data_3DXS
# 
_entry.id   3DXS 
# 
_audit_conform.dict_name       mmcif_pdbx.dic 
_audit_conform.dict_version    5.392 
_audit_conform.dict_location   http://mmcif.pdb.org/dictionaries/ascii/mmcif_pdbx.dic 
# 
loop_
_database_2.database_id 
_database_2.database_code 
_database_2.pdbx_database_accession 
_database_2.pdbx_DOI 
PDB   3DXS         pdb_00003dxs 10.2210/pdb3dxs/pdb 
RCSB  RCSB048622   ?            ?                   
WWPDB D_1000048622 ?            ?                   
# 
loop_
_pdbx_audit_revision_history.ordinal 
_pdbx_audit_revision_history.data_content_type 
_pdbx_audit_revision_history.major_revision 
_pdbx_audit_revision_history.minor_revision 
_pdbx_audit_revision_history.revision_date 
1 'Structure model' 1 0 2009-08-11 
2 'Structure model' 1 1 2011-07-13 
3 'Structure model' 1 2 2021-11-10 
4 'Structure model' 1 3 2024-05-29 
# 
_pdbx_audit_revision_details.ordinal             1 
_pdbx_audit_revision_details.revision_ordinal    1 
_pdbx_audit_revision_details.data_content_type   'Structure model' 
_pdbx_audit_revision_details.provider            repository 
_pdbx_audit_revision_details.type                'Initial release' 
_pdbx_audit_revision_details.description         ? 
_pdbx_audit_revision_details.details             ? 
# 
loop_
_pdbx_audit_revision_group.ordinal 
_pdbx_audit_revision_group.revision_ordinal 
_pdbx_audit_revision_group.data_content_type 
_pdbx_audit_revision_group.group 
1 2 'Structure model' 'Version format compliance' 
2 3 'Structure model' 'Database references'       
3 3 'Structure model' 'Derived calculations'      
4 4 'Structure model' 'Data collection'           
# 
loop_
_pdbx_audit_revision_category.ordinal 
_pdbx_audit_revision_category.revision_ordinal 
_pdbx_audit_revision_category.data_content_type 
_pdbx_audit_revision_category.category 
1 3 'Structure model' database_2             
2 3 'Structure model' pdbx_struct_conn_angle 
3 3 'Structure model' struct_conn            
4 3 'Structure model' struct_ref_seq_dif     
5 3 'Structure model' struct_site            
6 4 'Structure model' chem_comp_atom         
7 4 'Structure model' chem_comp_bond         
# 
loop_
_pdbx_audit_revision_item.ordinal 
_pdbx_audit_revision_item.revision_ordinal 
_pdbx_audit_revision_item.data_content_type 
_pdbx_audit_revision_item.item 
1  3 'Structure model' '_database_2.pdbx_DOI'                      
2  3 'Structure model' '_database_2.pdbx_database_accession'       
3  3 'Structure model' '_pdbx_struct_conn_angle.ptnr1_auth_seq_id' 
4  3 'Structure model' '_pdbx_struct_conn_angle.ptnr3_auth_seq_id' 
5  3 'Structure model' '_pdbx_struct_conn_angle.value'             
6  3 'Structure model' '_struct_conn.pdbx_dist_value'              
7  3 'Structure model' '_struct_conn.ptnr2_auth_seq_id'            
8  3 'Structure model' '_struct_ref_seq_dif.details'               
9  3 'Structure model' '_struct_site.pdbx_auth_asym_id'            
10 3 'Structure model' '_struct_site.pdbx_auth_comp_id'            
11 3 'Structure model' '_struct_site.pdbx_auth_seq_id'             
# 
_pdbx_database_status.status_code                     REL 
_pdbx_database_status.entry_id                        3DXS 
_pdbx_database_status.recvd_initial_deposition_date   2008-07-25 
_pdbx_database_status.deposit_site                    RCSB 
_pdbx_database_status.process_site                    PDBJ 
_pdbx_database_status.status_code_sf                  REL 
_pdbx_database_status.status_code_mr                  ? 
_pdbx_database_status.SG_entry                        ? 
_pdbx_database_status.pdb_format_compatible           Y 
_pdbx_database_status.status_code_cs                  ? 
_pdbx_database_status.status_code_nmr_data            ? 
_pdbx_database_status.methods_development_category    ? 
# 
loop_
_pdbx_database_related.db_name 
_pdbx_database_related.db_id 
_pdbx_database_related.details 
_pdbx_database_related.content_type 
PDB 1fee 'Metal binding domain of HAH1.'   unspecified 
PDB 1osd 'Mercury binding domain of MERP.' unspecified 
# 
loop_
_audit_author.name 
_audit_author.pdbx_ordinal 
'Zimmermann, M.' 1 
'Xiao, Z.'       2 
'Clarke, O.B.'   3 
'Gulbis, J.M.'   4 
'Wedd, A.G.'     5 
# 
_citation.id                        primary 
_citation.title                     
;Metal binding affinities of Arabidopsis zinc and copper transporters: selectivities match the relative, but not the absolute, affinities of their amino-terminal domains.
;
_citation.journal_abbrev            Biochemistry 
_citation.journal_volume            48 
_citation.page_first                11640 
_citation.page_last                 11654 
_citation.year                      2009 
_citation.journal_id_ASTM           BICHAW 
_citation.country                   US 
_citation.journal_id_ISSN           0006-2960 
_citation.journal_id_CSD            0033 
_citation.book_publisher            ? 
_citation.pdbx_database_id_PubMed   19883117 
_citation.pdbx_database_id_DOI      10.1021/bi901573b 
# 
loop_
_citation_author.citation_id 
_citation_author.name 
_citation_author.ordinal 
_citation_author.identifier_ORCID 
primary 'Zimmermann, M.' 1 ? 
primary 'Clarke, O.B.'   2 ? 
primary 'Gulbis, J.M.'   3 ? 
primary 'Keizer, D.W.'   4 ? 
primary 'Jarvis, R.S.'   5 ? 
primary 'Cobbett, C.S.'  6 ? 
primary 'Hinds, M.G.'    7 ? 
primary 'Xiao, Z.'       8 ? 
primary 'Wedd, A.G.'     9 ? 
# 
loop_
_entity.id 
_entity.type 
_entity.src_method 
_entity.pdbx_description 
_entity.formula_weight 
_entity.pdbx_number_of_molecules 
_entity.pdbx_ec 
_entity.pdbx_mutation 
_entity.pdbx_fragment 
_entity.details 
1 polymer     man 'Copper-transporting ATPase RAN1' 8065.122 1   3.6.3.4 Q74W 'Metal binding domain' ? 
2 non-polymer syn 'ZINC ION'                        65.409   1   ?       ?    ?                      ? 
3 non-polymer syn 'LITHIUM ION'                     6.941    1   ?       ?    ?                      ? 
4 water       nat water                             18.015   116 ?       ?    ?                      ? 
# 
_entity_name_com.entity_id   1 
_entity_name_com.name        'Protein RESPONSIVE TO ANTAGONIST 1' 
# 
_entity_poly.entity_id                      1 
_entity_poly.type                           'polypeptide(L)' 
_entity_poly.nstd_linkage                   no 
_entity_poly.nstd_monomer                   no 
_entity_poly.pdbx_seq_one_letter_code       MRKIQVGVTGMTCAACSNSVEAALMNVNGVFKASVALLQNRADVVFDPNLVKEEDIKEEIEDAGFEAEILAEEW 
_entity_poly.pdbx_seq_one_letter_code_can   MRKIQVGVTGMTCAACSNSVEAALMNVNGVFKASVALLQNRADVVFDPNLVKEEDIKEEIEDAGFEAEILAEEW 
_entity_poly.pdbx_strand_id                 X 
_entity_poly.pdbx_target_identifier         ? 
# 
loop_
_pdbx_entity_nonpoly.entity_id 
_pdbx_entity_nonpoly.name 
_pdbx_entity_nonpoly.comp_id 
2 'ZINC ION'    ZN  
3 'LITHIUM ION' LI  
4 water         HOH 
# 
loop_
_entity_poly_seq.entity_id 
_entity_poly_seq.num 
_entity_poly_seq.mon_id 
_entity_poly_seq.hetero 
1 1  MET n 
1 2  ARG n 
1 3  LYS n 
1 4  ILE n 
1 5  GLN n 
1 6  VAL n 
1 7  GLY n 
1 8  VAL n 
1 9  THR n 
1 10 GLY n 
1 11 MET n 
1 12 THR n 
1 13 CYS n 
1 14 ALA n 
1 15 ALA n 
1 16 CYS n 
1 17 SER n 
1 18 ASN n 
1 19 SER n 
1 20 VAL n 
1 21 GLU n 
1 22 ALA n 
1 23 ALA n 
1 24 LEU n 
1 25 MET n 
1 26 ASN n 
1 27 VAL n 
1 28 ASN n 
1 29 GLY n 
1 30 VAL n 
1 31 PHE n 
1 32 LYS n 
1 33 ALA n 
1 34 SER n 
1 35 VAL n 
1 36 ALA n 
1 37 LEU n 
1 38 LEU n 
1 39 GLN n 
1 40 ASN n 
1 41 ARG n 
1 42 ALA n 
1 43 ASP n 
1 44 VAL n 
1 45 VAL n 
1 46 PHE n 
1 47 ASP n 
1 48 PRO n 
1 49 ASN n 
1 50 LEU n 
1 51 VAL n 
1 52 LYS n 
1 53 GLU n 
1 54 GLU n 
1 55 ASP n 
1 56 ILE n 
1 57 LYS n 
1 58 GLU n 
1 59 GLU n 
1 60 ILE n 
1 61 GLU n 
1 62 ASP n 
1 63 ALA n 
1 64 GLY n 
1 65 PHE n 
1 66 GLU n 
1 67 ALA n 
1 68 GLU n 
1 69 ILE n 
1 70 LEU n 
1 71 ALA n 
1 72 GLU n 
1 73 GLU n 
1 74 TRP n 
# 
_entity_src_gen.entity_id                          1 
_entity_src_gen.pdbx_src_id                        1 
_entity_src_gen.pdbx_alt_source_flag               sample 
_entity_src_gen.pdbx_seq_type                      ? 
_entity_src_gen.pdbx_beg_seq_num                   ? 
_entity_src_gen.pdbx_end_seq_num                   ? 
_entity_src_gen.gene_src_common_name               'mouse-ear cress' 
_entity_src_gen.gene_src_genus                     ? 
_entity_src_gen.pdbx_gene_src_gene                 'RAN1, At5g44790, K23L20.14, T19K24.18' 
_entity_src_gen.gene_src_species                   ? 
_entity_src_gen.gene_src_strain                    ? 
_entity_src_gen.gene_src_tissue                    ? 
_entity_src_gen.gene_src_tissue_fraction           ? 
_entity_src_gen.gene_src_details                   ? 
_entity_src_gen.pdbx_gene_src_fragment             ? 
_entity_src_gen.pdbx_gene_src_scientific_name      'Arabidopsis thaliana' 
_entity_src_gen.pdbx_gene_src_ncbi_taxonomy_id     3702 
_entity_src_gen.pdbx_gene_src_variant              ? 
_entity_src_gen.pdbx_gene_src_cell_line            ? 
_entity_src_gen.pdbx_gene_src_atcc                 ? 
_entity_src_gen.pdbx_gene_src_organ                ? 
_entity_src_gen.pdbx_gene_src_organelle            ? 
_entity_src_gen.pdbx_gene_src_cell                 ? 
_entity_src_gen.pdbx_gene_src_cellular_location    ? 
_entity_src_gen.host_org_common_name               ? 
_entity_src_gen.pdbx_host_org_scientific_name      'Escherichia coli' 
_entity_src_gen.pdbx_host_org_ncbi_taxonomy_id     562 
_entity_src_gen.host_org_genus                     ? 
_entity_src_gen.pdbx_host_org_gene                 ? 
_entity_src_gen.pdbx_host_org_organ                ? 
_entity_src_gen.host_org_species                   ? 
_entity_src_gen.pdbx_host_org_tissue               ? 
_entity_src_gen.pdbx_host_org_tissue_fraction      ? 
_entity_src_gen.pdbx_host_org_strain               ? 
_entity_src_gen.pdbx_host_org_variant              ? 
_entity_src_gen.pdbx_host_org_cell_line            ? 
_entity_src_gen.pdbx_host_org_atcc                 ? 
_entity_src_gen.pdbx_host_org_culture_collection   ? 
_entity_src_gen.pdbx_host_org_cell                 ? 
_entity_src_gen.pdbx_host_org_organelle            ? 
_entity_src_gen.pdbx_host_org_cellular_location    ? 
_entity_src_gen.pdbx_host_org_vector_type          plasmid 
_entity_src_gen.pdbx_host_org_vector               ? 
_entity_src_gen.host_org_details                   ? 
_entity_src_gen.expression_system_id               ? 
_entity_src_gen.plasmid_name                       ? 
_entity_src_gen.plasmid_details                    ? 
_entity_src_gen.pdbx_description                   ? 
# 
loop_
_chem_comp.id 
_chem_comp.type 
_chem_comp.mon_nstd_flag 
_chem_comp.name 
_chem_comp.pdbx_synonyms 
_chem_comp.formula 
_chem_comp.formula_weight 
ALA 'L-peptide linking' y ALANINE         ? 'C3 H7 N O2'     89.093  
ARG 'L-peptide linking' y ARGININE        ? 'C6 H15 N4 O2 1' 175.209 
ASN 'L-peptide linking' y ASPARAGINE      ? 'C4 H8 N2 O3'    132.118 
ASP 'L-peptide linking' y 'ASPARTIC ACID' ? 'C4 H7 N O4'     133.103 
CYS 'L-peptide linking' y CYSTEINE        ? 'C3 H7 N O2 S'   121.158 
GLN 'L-peptide linking' y GLUTAMINE       ? 'C5 H10 N2 O3'   146.144 
GLU 'L-peptide linking' y 'GLUTAMIC ACID' ? 'C5 H9 N O4'     147.129 
GLY 'peptide linking'   y GLYCINE         ? 'C2 H5 N O2'     75.067  
HOH non-polymer         . WATER           ? 'H2 O'           18.015  
ILE 'L-peptide linking' y ISOLEUCINE      ? 'C6 H13 N O2'    131.173 
LEU 'L-peptide linking' y LEUCINE         ? 'C6 H13 N O2'    131.173 
LI  non-polymer         . 'LITHIUM ION'   ? 'Li 1'           6.941   
LYS 'L-peptide linking' y LYSINE          ? 'C6 H15 N2 O2 1' 147.195 
MET 'L-peptide linking' y METHIONINE      ? 'C5 H11 N O2 S'  149.211 
PHE 'L-peptide linking' y PHENYLALANINE   ? 'C9 H11 N O2'    165.189 
PRO 'L-peptide linking' y PROLINE         ? 'C5 H9 N O2'     115.130 
SER 'L-peptide linking' y SERINE          ? 'C3 H7 N O3'     105.093 
THR 'L-peptide linking' y THREONINE       ? 'C4 H9 N O3'     119.119 
TRP 'L-peptide linking' y TRYPTOPHAN      ? 'C11 H12 N2 O2'  204.225 
VAL 'L-peptide linking' y VALINE          ? 'C5 H11 N O2'    117.146 
ZN  non-polymer         . 'ZINC ION'      ? 'Zn 2'           65.409  
# 
loop_
_pdbx_poly_seq_scheme.asym_id 
_pdbx_poly_seq_scheme.entity_id 
_pdbx_poly_seq_scheme.seq_id 
_pdbx_poly_seq_scheme.mon_id 
_pdbx_poly_seq_scheme.ndb_seq_num 
_pdbx_poly_seq_scheme.pdb_seq_num 
_pdbx_poly_seq_scheme.auth_seq_num 
_pdbx_poly_seq_scheme.pdb_mon_id 
_pdbx_poly_seq_scheme.auth_mon_id 
_pdbx_poly_seq_scheme.pdb_strand_id 
_pdbx_poly_seq_scheme.pdb_ins_code 
_pdbx_poly_seq_scheme.hetero 
A 1 1  MET 1  1  1  MET MET X . n 
A 1 2  ARG 2  2  2  ARG ARG X . n 
A 1 3  LYS 3  3  3  LYS LYS X . n 
A 1 4  ILE 4  4  4  ILE ILE X . n 
A 1 5  GLN 5  5  5  GLN GLN X . n 
A 1 6  VAL 6  6  6  VAL VAL X . n 
A 1 7  GLY 7  7  7  GLY GLY X . n 
A 1 8  VAL 8  8  8  VAL VAL X . n 
A 1 9  THR 9  9  9  THR THR X . n 
A 1 10 GLY 10 10 10 GLY GLY X . n 
A 1 11 MET 11 11 11 MET MET X . n 
A 1 12 THR 12 12 12 THR THR X . n 
A 1 13 CYS 13 13 13 CYS CYS X . n 
A 1 14 ALA 14 14 14 ALA ALA X . n 
A 1 15 ALA 15 15 15 ALA ALA X . n 
A 1 16 CYS 16 16 16 CYS CYS X . n 
A 1 17 SER 17 17 17 SER SER X . n 
A 1 18 ASN 18 18 18 ASN ASN X . n 
A 1 19 SER 19 19 19 SER SER X . n 
A 1 20 VAL 20 20 20 VAL VAL X . n 
A 1 21 GLU 21 21 21 GLU GLU X . n 
A 1 22 ALA 22 22 22 ALA ALA X . n 
A 1 23 ALA 23 23 23 ALA ALA X . n 
A 1 24 LEU 24 24 24 LEU LEU X . n 
A 1 25 MET 25 25 25 MET MET X . n 
A 1 26 ASN 26 26 26 ASN ASN X . n 
A 1 27 VAL 27 27 27 VAL VAL X . n 
A 1 28 ASN 28 28 28 ASN ASN X . n 
A 1 29 GLY 29 29 29 GLY GLY X . n 
A 1 30 VAL 30 30 30 VAL VAL X . n 
A 1 31 PHE 31 31 31 PHE PHE X . n 
A 1 32 LYS 32 32 32 LYS LYS X . n 
A 1 33 ALA 33 33 33 ALA ALA X . n 
A 1 34 SER 34 34 34 SER SER X . n 
A 1 35 VAL 35 35 35 VAL VAL X . n 
A 1 36 ALA 36 36 36 ALA ALA X . n 
A 1 37 LEU 37 37 37 LEU LEU X . n 
A 1 38 LEU 38 38 38 LEU LEU X . n 
A 1 39 GLN 39 39 39 GLN GLN X . n 
A 1 40 ASN 40 40 40 ASN ASN X . n 
A 1 41 ARG 41 41 41 ARG ARG X . n 
A 1 42 ALA 42 42 42 ALA ALA X . n 
A 1 43 ASP 43 43 43 ASP ASP X . n 
A 1 44 VAL 44 44 44 VAL VAL X . n 
A 1 45 VAL 45 45 45 VAL VAL X . n 
A 1 46 PHE 46 46 46 PHE PHE X . n 
A 1 47 ASP 47 47 47 ASP ASP X . n 
A 1 48 PRO 48 48 48 PRO PRO X . n 
A 1 49 ASN 49 49 49 ASN ASN X . n 
A 1 50 LEU 50 50 50 LEU LEU X . n 
A 1 51 VAL 51 51 51 VAL VAL X . n 
A 1 52 LYS 52 52 52 LYS LYS X . n 
A 1 53 GLU 53 53 53 GLU GLU X . n 
A 1 54 GLU 54 54 54 GLU GLU X . n 
A 1 55 ASP 55 55 55 ASP ASP X . n 
A 1 56 ILE 56 56 56 ILE ILE X . n 
A 1 57 LYS 57 57 57 LYS LYS X . n 
A 1 58 GLU 58 58 58 GLU GLU X . n 
A 1 59 GLU 59 59 59 GLU GLU X . n 
A 1 60 ILE 60 60 60 ILE ILE X . n 
A 1 61 GLU 61 61 61 GLU GLU X . n 
A 1 62 ASP 62 62 62 ASP ASP X . n 
A 1 63 ALA 63 63 63 ALA ALA X . n 
A 1 64 GLY 64 64 64 GLY GLY X . n 
A 1 65 PHE 65 65 65 PHE PHE X . n 
A 1 66 GLU 66 66 66 GLU GLU X . n 
A 1 67 ALA 67 67 67 ALA ALA X . n 
A 1 68 GLU 68 68 68 GLU GLU X . n 
A 1 69 ILE 69 69 69 ILE ILE X . n 
A 1 70 LEU 70 70 70 LEU LEU X . n 
A 1 71 ALA 71 71 71 ALA ALA X . n 
A 1 72 GLU 72 72 72 GLU GLU X . n 
A 1 73 GLU 73 73 73 GLU GLU X . n 
A 1 74 TRP 74 74 74 TRP TRP X . n 
# 
loop_
_pdbx_nonpoly_scheme.asym_id 
_pdbx_nonpoly_scheme.entity_id 
_pdbx_nonpoly_scheme.mon_id 
_pdbx_nonpoly_scheme.ndb_seq_num 
_pdbx_nonpoly_scheme.pdb_seq_num 
_pdbx_nonpoly_scheme.auth_seq_num 
_pdbx_nonpoly_scheme.pdb_mon_id 
_pdbx_nonpoly_scheme.auth_mon_id 
_pdbx_nonpoly_scheme.pdb_strand_id 
_pdbx_nonpoly_scheme.pdb_ins_code 
B 2 ZN  1   75  1   ZN  ZN  X . 
C 3 LI  1   76  1   LI  LI  X . 
D 4 HOH 1   77  1   HOH HOH X . 
D 4 HOH 2   78  2   HOH HOH X . 
D 4 HOH 3   79  3   HOH HOH X . 
D 4 HOH 4   80  4   HOH HOH X . 
D 4 HOH 5   81  5   HOH HOH X . 
D 4 HOH 6   82  6   HOH HOH X . 
D 4 HOH 7   83  7   HOH HOH X . 
D 4 HOH 8   84  8   HOH HOH X . 
D 4 HOH 9   85  9   HOH HOH X . 
D 4 HOH 10  86  10  HOH HOH X . 
D 4 HOH 11  87  11  HOH HOH X . 
D 4 HOH 12  88  12  HOH HOH X . 
D 4 HOH 13  89  13  HOH HOH X . 
D 4 HOH 14  90  14  HOH HOH X . 
D 4 HOH 15  91  15  HOH HOH X . 
D 4 HOH 16  92  16  HOH HOH X . 
D 4 HOH 17  93  18  HOH HOH X . 
D 4 HOH 18  94  19  HOH HOH X . 
D 4 HOH 19  95  20  HOH HOH X . 
D 4 HOH 20  96  21  HOH HOH X . 
D 4 HOH 21  97  22  HOH HOH X . 
D 4 HOH 22  98  23  HOH HOH X . 
D 4 HOH 23  99  24  HOH HOH X . 
D 4 HOH 24  100 25  HOH HOH X . 
D 4 HOH 25  101 26  HOH HOH X . 
D 4 HOH 26  102 28  HOH HOH X . 
D 4 HOH 27  103 29  HOH HOH X . 
D 4 HOH 28  104 30  HOH HOH X . 
D 4 HOH 29  105 31  HOH HOH X . 
D 4 HOH 30  106 32  HOH HOH X . 
D 4 HOH 31  107 33  HOH HOH X . 
D 4 HOH 32  108 34  HOH HOH X . 
D 4 HOH 33  109 35  HOH HOH X . 
D 4 HOH 34  110 36  HOH HOH X . 
D 4 HOH 35  111 37  HOH HOH X . 
D 4 HOH 36  112 38  HOH HOH X . 
D 4 HOH 37  113 39  HOH HOH X . 
D 4 HOH 38  114 40  HOH HOH X . 
D 4 HOH 39  115 41  HOH HOH X . 
D 4 HOH 40  116 42  HOH HOH X . 
D 4 HOH 41  117 43  HOH HOH X . 
D 4 HOH 42  118 44  HOH HOH X . 
D 4 HOH 43  119 45  HOH HOH X . 
D 4 HOH 44  120 46  HOH HOH X . 
D 4 HOH 45  121 47  HOH HOH X . 
D 4 HOH 46  122 48  HOH HOH X . 
D 4 HOH 47  123 49  HOH HOH X . 
D 4 HOH 48  124 52  HOH HOH X . 
D 4 HOH 49  125 53  HOH HOH X . 
D 4 HOH 50  126 54  HOH HOH X . 
D 4 HOH 51  127 55  HOH HOH X . 
D 4 HOH 52  128 56  HOH HOH X . 
D 4 HOH 53  129 57  HOH HOH X . 
D 4 HOH 54  130 58  HOH HOH X . 
D 4 HOH 55  131 60  HOH HOH X . 
D 4 HOH 56  132 61  HOH HOH X . 
D 4 HOH 57  133 62  HOH HOH X . 
D 4 HOH 58  134 63  HOH HOH X . 
D 4 HOH 59  135 64  HOH HOH X . 
D 4 HOH 60  136 69  HOH HOH X . 
D 4 HOH 61  137 71  HOH HOH X . 
D 4 HOH 62  138 72  HOH HOH X . 
D 4 HOH 63  139 74  HOH HOH X . 
D 4 HOH 64  140 75  HOH HOH X . 
D 4 HOH 65  141 76  HOH HOH X . 
D 4 HOH 66  142 79  HOH HOH X . 
D 4 HOH 67  143 81  HOH HOH X . 
D 4 HOH 68  144 84  HOH HOH X . 
D 4 HOH 69  145 86  HOH HOH X . 
D 4 HOH 70  146 87  HOH HOH X . 
D 4 HOH 71  147 89  HOH HOH X . 
D 4 HOH 72  148 90  HOH HOH X . 
D 4 HOH 73  149 91  HOH HOH X . 
D 4 HOH 74  150 92  HOH HOH X . 
D 4 HOH 75  151 93  HOH HOH X . 
D 4 HOH 76  152 94  HOH HOH X . 
D 4 HOH 77  153 95  HOH HOH X . 
D 4 HOH 78  154 96  HOH HOH X . 
D 4 HOH 79  155 97  HOH HOH X . 
D 4 HOH 80  156 98  HOH HOH X . 
D 4 HOH 81  157 99  HOH HOH X . 
D 4 HOH 82  158 100 HOH HOH X . 
D 4 HOH 83  159 101 HOH HOH X . 
D 4 HOH 84  160 102 HOH HOH X . 
D 4 HOH 85  161 103 HOH HOH X . 
D 4 HOH 86  162 104 HOH HOH X . 
D 4 HOH 87  163 105 HOH HOH X . 
D 4 HOH 88  164 106 HOH HOH X . 
D 4 HOH 89  165 109 HOH HOH X . 
D 4 HOH 90  166 110 HOH HOH X . 
D 4 HOH 91  167 111 HOH HOH X . 
D 4 HOH 92  168 112 HOH HOH X . 
D 4 HOH 93  169 113 HOH HOH X . 
D 4 HOH 94  170 114 HOH HOH X . 
D 4 HOH 95  171 115 HOH HOH X . 
D 4 HOH 96  172 116 HOH HOH X . 
D 4 HOH 97  173 117 HOH HOH X . 
D 4 HOH 98  174 118 HOH HOH X . 
D 4 HOH 99  175 119 HOH HOH X . 
D 4 HOH 100 176 121 HOH HOH X . 
D 4 HOH 101 177 122 HOH HOH X . 
D 4 HOH 102 178 123 HOH HOH X . 
D 4 HOH 103 179 125 HOH HOH X . 
D 4 HOH 104 180 129 HOH HOH X . 
D 4 HOH 105 181 130 HOH HOH X . 
D 4 HOH 106 182 131 HOH HOH X . 
D 4 HOH 107 183 132 HOH HOH X . 
D 4 HOH 108 184 133 HOH HOH X . 
D 4 HOH 109 185 134 HOH HOH X . 
D 4 HOH 110 186 135 HOH HOH X . 
D 4 HOH 111 187 136 HOH HOH X . 
D 4 HOH 112 188 137 HOH HOH X . 
D 4 HOH 113 189 138 HOH HOH X . 
D 4 HOH 114 190 139 HOH HOH X . 
D 4 HOH 115 191 140 HOH HOH X . 
D 4 HOH 116 192 141 HOH HOH X . 
# 
loop_
_pdbx_unobs_or_zero_occ_atoms.id 
_pdbx_unobs_or_zero_occ_atoms.PDB_model_num 
_pdbx_unobs_or_zero_occ_atoms.polymer_flag 
_pdbx_unobs_or_zero_occ_atoms.occupancy_flag 
_pdbx_unobs_or_zero_occ_atoms.auth_asym_id 
_pdbx_unobs_or_zero_occ_atoms.auth_comp_id 
_pdbx_unobs_or_zero_occ_atoms.auth_seq_id 
_pdbx_unobs_or_zero_occ_atoms.PDB_ins_code 
_pdbx_unobs_or_zero_occ_atoms.auth_atom_id 
_pdbx_unobs_or_zero_occ_atoms.label_alt_id 
_pdbx_unobs_or_zero_occ_atoms.label_asym_id 
_pdbx_unobs_or_zero_occ_atoms.label_comp_id 
_pdbx_unobs_or_zero_occ_atoms.label_seq_id 
_pdbx_unobs_or_zero_occ_atoms.label_atom_id 
1  1 Y 1 X ARG 2  ? CD  ? A ARG 2  CD  
2  1 Y 1 X ARG 2  ? NE  ? A ARG 2  NE  
3  1 Y 1 X ARG 2  ? CZ  ? A ARG 2  CZ  
4  1 Y 1 X ARG 2  ? NH1 ? A ARG 2  NH1 
5  1 Y 1 X ARG 2  ? NH2 ? A ARG 2  NH2 
6  1 Y 1 X GLU 59 ? CG  ? A GLU 59 CG  
7  1 Y 1 X GLU 59 ? CD  ? A GLU 59 CD  
8  1 Y 1 X GLU 59 ? OE1 ? A GLU 59 OE1 
9  1 Y 1 X GLU 59 ? OE2 ? A GLU 59 OE2 
10 1 Y 0 X GLU 68 ? OE1 A A GLU 68 OE1 
11 1 Y 0 X GLU 68 ? OE2 A A GLU 68 OE2 
# 
loop_
_software.name 
_software.classification 
_software.version 
_software.citation_id 
_software.pdbx_ordinal 
HKL-2000 'data collection' .   ? 1 
SOLVE    phasing           .   ? 2 
REFMAC   refinement        5.0 ? 3 
HKL-2000 'data reduction'  .   ? 4 
HKL-2000 'data scaling'    .   ? 5 
# 
_cell.entry_id           3DXS 
_cell.length_a           27.374 
_cell.length_b           44.529 
_cell.length_c           49.223 
_cell.angle_alpha        90.00 
_cell.angle_beta         90.00 
_cell.angle_gamma        90.00 
_cell.Z_PDB              4 
_cell.pdbx_unique_axis   ? 
_cell.length_a_esd       ? 
_cell.length_b_esd       ? 
_cell.length_c_esd       ? 
_cell.angle_alpha_esd    ? 
_cell.angle_beta_esd     ? 
_cell.angle_gamma_esd    ? 
# 
_symmetry.entry_id                         3DXS 
_symmetry.space_group_name_H-M             'P 21 21 21' 
_symmetry.pdbx_full_space_group_name_H-M   ? 
_symmetry.cell_setting                     ? 
_symmetry.Int_Tables_number                19 
_symmetry.space_group_name_Hall            ? 
# 
_exptl.entry_id          3DXS 
_exptl.method            'X-RAY DIFFRACTION' 
_exptl.crystals_number   1 
# 
_exptl_crystal.id                    1 
_exptl_crystal.density_meas          ? 
_exptl_crystal.density_Matthews      1.86 
_exptl_crystal.density_percent_sol   33.87 
_exptl_crystal.description           ? 
_exptl_crystal.F_000                 ? 
_exptl_crystal.preparation           ? 
# 
_exptl_crystal_grow.crystal_id      1 
_exptl_crystal_grow.method          'VAPOR DIFFUSION, HANGING DROP' 
_exptl_crystal_grow.temp            298 
_exptl_crystal_grow.temp_details    ? 
_exptl_crystal_grow.pH              8 
_exptl_crystal_grow.pdbx_details    '1.2M LiCl, 0.1M Tris-HCl, pH 8, VAPOR DIFFUSION, HANGING DROP, temperature 298K' 
_exptl_crystal_grow.pdbx_pH_range   . 
# 
_diffrn.id                     1 
_diffrn.ambient_temp           100 
_diffrn.ambient_temp_details   ? 
_diffrn.crystal_id             1 
# 
_diffrn_detector.diffrn_id              1 
_diffrn_detector.detector               CCD 
_diffrn_detector.type                   'MARMOSAIC 225 mm CCD' 
_diffrn_detector.pdbx_collection_date   2007-09-29 
_diffrn_detector.details                ? 
# 
_diffrn_radiation.diffrn_id                        1 
_diffrn_radiation.wavelength_id                    1 
_diffrn_radiation.pdbx_monochromatic_or_laue_m_l   M 
_diffrn_radiation.monochromator                    silicon 
_diffrn_radiation.pdbx_diffrn_protocol             'SINGLE WAVELENGTH' 
_diffrn_radiation.pdbx_scattering_type             x-ray 
# 
_diffrn_radiation_wavelength.id           1 
_diffrn_radiation_wavelength.wavelength   1.283 
_diffrn_radiation_wavelength.wt           1.0 
# 
_diffrn_source.diffrn_id                   1 
_diffrn_source.source                      SYNCHROTRON 
_diffrn_source.type                        'SLS BEAMLINE X10SA' 
_diffrn_source.pdbx_synchrotron_site       SLS 
_diffrn_source.pdbx_synchrotron_beamline   X10SA 
_diffrn_source.pdbx_wavelength             ? 
_diffrn_source.pdbx_wavelength_list        1.283 
# 
_reflns.entry_id                     3DXS 
_reflns.observed_criterion_sigma_F   0 
_reflns.observed_criterion_sigma_I   0 
_reflns.d_resolution_high            1.7 
_reflns.d_resolution_low             20 
_reflns.number_all                   8204 
_reflns.number_obs                   7384 
_reflns.percent_possible_obs         90 
_reflns.pdbx_Rmerge_I_obs            0.092 
_reflns.pdbx_Rsym_value              0.092 
_reflns.pdbx_netI_over_sigmaI        23.6 
_reflns.B_iso_Wilson_estimate        10.3 
_reflns.pdbx_redundancy              6.6 
_reflns.R_free_details               ? 
_reflns.limit_h_max                  ? 
_reflns.limit_h_min                  ? 
_reflns.limit_k_max                  ? 
_reflns.limit_k_min                  ? 
_reflns.limit_l_max                  ? 
_reflns.limit_l_min                  ? 
_reflns.observed_criterion_F_max     ? 
_reflns.observed_criterion_F_min     ? 
_reflns.pdbx_chi_squared             ? 
_reflns.pdbx_scaling_rejects         ? 
_reflns.pdbx_diffrn_id               1 
_reflns.pdbx_ordinal                 1 
# 
_reflns_shell.d_res_high             1.7 
_reflns_shell.d_res_low              1.76 
_reflns_shell.percent_possible_all   82.3 
_reflns_shell.Rmerge_I_obs           0.189 
_reflns_shell.pdbx_Rsym_value        0.189 
_reflns_shell.meanI_over_sigI_obs    7.4 
_reflns_shell.pdbx_redundancy        3.7 
_reflns_shell.percent_possible_obs   ? 
_reflns_shell.number_unique_all      572 
_reflns_shell.number_measured_all    ? 
_reflns_shell.number_measured_obs    ? 
_reflns_shell.number_unique_obs      ? 
_reflns_shell.pdbx_chi_squared       ? 
_reflns_shell.pdbx_diffrn_id         ? 
_reflns_shell.pdbx_ordinal           1 
# 
_refine.entry_id                                 3DXS 
_refine.ls_d_res_high                            1.7 
_refine.ls_d_res_low                             20 
_refine.pdbx_ls_sigma_F                          0 
_refine.pdbx_ls_sigma_I                          0 
_refine.ls_number_reflns_all                     8204 
_refine.ls_number_reflns_obs                     7384 
_refine.ls_number_reflns_R_free                  371 
_refine.ls_percent_reflns_obs                    90 
_refine.ls_R_factor_all                          0.142 
_refine.ls_R_factor_obs                          0.142 
_refine.ls_R_factor_R_work                       0.142 
_refine.ls_R_factor_R_free                       0.1604 
_refine.ls_redundancy_reflns_obs                 ? 
_refine.pdbx_data_cutoff_high_absF               ? 
_refine.pdbx_data_cutoff_low_absF                ? 
_refine.ls_number_parameters                     ? 
_refine.ls_number_restraints                     ? 
_refine.ls_percent_reflns_R_free                 ? 
_refine.ls_R_factor_R_free_error                 ? 
_refine.ls_R_factor_R_free_error_details         ? 
_refine.pdbx_method_to_determine_struct          SAD 
_refine.pdbx_starting_model                      ? 
_refine.pdbx_ls_cross_valid_method               THROUGHOUT 
_refine.pdbx_R_Free_selection_details            random 
_refine.pdbx_stereochem_target_val_spec_case     ? 
_refine.pdbx_stereochemistry_target_values       'Engh & Huber' 
_refine.solvent_model_details                    ? 
_refine.solvent_model_param_bsol                 ? 
_refine.solvent_model_param_ksol                 ? 
_refine.occupancy_max                            ? 
_refine.occupancy_min                            ? 
_refine.pdbx_isotropic_thermal_model             isotropic 
_refine.B_iso_mean                               9.2 
_refine.aniso_B[1][1]                            ? 
_refine.aniso_B[1][2]                            ? 
_refine.aniso_B[1][3]                            ? 
_refine.aniso_B[2][2]                            ? 
_refine.aniso_B[2][3]                            ? 
_refine.aniso_B[3][3]                            ? 
_refine.details                                  ? 
_refine.B_iso_min                                ? 
_refine.B_iso_max                                ? 
_refine.correlation_coeff_Fo_to_Fc               ? 
_refine.correlation_coeff_Fo_to_Fc_free          ? 
_refine.pdbx_solvent_vdw_probe_radii             ? 
_refine.pdbx_solvent_ion_probe_radii             ? 
_refine.pdbx_solvent_shrinkage_radii             ? 
_refine.overall_SU_R_Cruickshank_DPI             ? 
_refine.overall_SU_R_free                        ? 
_refine.overall_SU_ML                            ? 
_refine.overall_SU_B                             ? 
_refine.pdbx_overall_ESU_R_Free                  ? 
_refine.pdbx_data_cutoff_high_rms_absF           ? 
_refine.pdbx_overall_ESU_R                       ? 
_refine.ls_wR_factor_R_free                      ? 
_refine.ls_wR_factor_R_work                      ? 
_refine.overall_FOM_free_R_set                   ? 
_refine.overall_FOM_work_R_set                   ? 
_refine.pdbx_overall_phase_error                 ? 
_refine.pdbx_refine_id                           'X-RAY DIFFRACTION' 
_refine.pdbx_diffrn_id                           1 
_refine.pdbx_TLS_residual_ADP_flag               ? 
_refine.pdbx_overall_SU_R_free_Cruickshank_DPI   ? 
_refine.pdbx_overall_SU_R_Blow_DPI               ? 
_refine.pdbx_overall_SU_R_free_Blow_DPI          ? 
# 
_refine_analyze.entry_id                        3DXS 
_refine_analyze.Luzzati_coordinate_error_obs    0.03 
_refine_analyze.Luzzati_sigma_a_obs             ? 
_refine_analyze.Luzzati_d_res_low_obs           ? 
_refine_analyze.Luzzati_coordinate_error_free   ? 
_refine_analyze.Luzzati_sigma_a_free            ? 
_refine_analyze.Luzzati_d_res_low_free          ? 
_refine_analyze.number_disordered_residues      ? 
_refine_analyze.occupancy_sum_non_hydrogen      ? 
_refine_analyze.occupancy_sum_hydrogen          ? 
_refine_analyze.pdbx_Luzzati_d_res_high_obs     ? 
_refine_analyze.pdbx_refine_id                  'X-RAY DIFFRACTION' 
# 
_refine_hist.pdbx_refine_id                   'X-RAY DIFFRACTION' 
_refine_hist.cycle_id                         LAST 
_refine_hist.pdbx_number_atoms_protein        629 
_refine_hist.pdbx_number_atoms_nucleic_acid   0 
_refine_hist.pdbx_number_atoms_ligand         2 
_refine_hist.number_atoms_solvent             116 
_refine_hist.number_atoms_total               747 
_refine_hist.d_res_high                       1.7 
_refine_hist.d_res_low                        20 
# 
loop_
_refine_ls_restr.type 
_refine_ls_restr.dev_ideal 
_refine_ls_restr.dev_ideal_target 
_refine_ls_restr.weight 
_refine_ls_restr.number 
_refine_ls_restr.pdbx_refine_id 
_refine_ls_restr.pdbx_restraint_function 
r_angle_refined_deg 1.236  ? ? ? 'X-RAY DIFFRACTION' ? 
r_bond_refined_d    0.0096 ? ? ? 'X-RAY DIFFRACTION' ? 
r_chiral_restr      0.07   ? ? ? 'X-RAY DIFFRACTION' ? 
# 
_refine_ls_shell.pdbx_total_number_of_bins_used   ? 
_refine_ls_shell.d_res_high                       1.7 
_refine_ls_shell.d_res_low                        1.76 
_refine_ls_shell.number_reflns_R_work             ? 
_refine_ls_shell.R_factor_R_work                  0.27 
_refine_ls_shell.percent_reflns_obs               54 
_refine_ls_shell.R_factor_R_free                  0.17 
_refine_ls_shell.R_factor_R_free_error            ? 
_refine_ls_shell.percent_reflns_R_free            ? 
_refine_ls_shell.number_reflns_R_free             15 
_refine_ls_shell.number_reflns_all                ? 
_refine_ls_shell.R_factor_all                     ? 
_refine_ls_shell.number_reflns_obs                385 
_refine_ls_shell.redundancy_reflns_obs            ? 
_refine_ls_shell.pdbx_refine_id                   'X-RAY DIFFRACTION' 
# 
_struct.entry_id                  3DXS 
_struct.title                     'Crystal structure of a copper binding domain from HMA7, a P-type ATPase' 
_struct.pdbx_model_details        ? 
_struct.pdbx_CASP_flag            N 
_struct.pdbx_model_type_details   ? 
# 
_struct_keywords.entry_id        3DXS 
_struct_keywords.pdbx_keywords   HYDROLASE 
_struct_keywords.text            
;copper transport, cxxc motif, ferredoxin-like fold, ATP-binding, Copper, Ethylene signaling pathway, Hydrolase, Ion transport, Magnesium, Membrane, Metal-binding, Nucleotide-binding, Phosphoprotein, Transmembrane, Transport
;
# 
loop_
_struct_asym.id 
_struct_asym.pdbx_blank_PDB_chainid_flag 
_struct_asym.pdbx_modified 
_struct_asym.entity_id 
_struct_asym.details 
A N N 1 ? 
B N N 2 ? 
C N N 3 ? 
D N N 4 ? 
# 
_struct_ref.id                         1 
_struct_ref.db_name                    UNP 
_struct_ref.db_code                    AHM5_ARATH 
_struct_ref.pdbx_db_accession          Q9S7J8 
_struct_ref.entity_id                  1 
_struct_ref.pdbx_seq_one_letter_code   RKIQVGVTGMTCAACSNSVEAALMNVNGVFKASVALLQNRADVVFDPNLVKEEDIKEAIEDAGFEAEILAEEQ 
_struct_ref.pdbx_align_begin           56 
_struct_ref.pdbx_db_isoform            ? 
# 
_struct_ref_seq.align_id                      1 
_struct_ref_seq.ref_id                        1 
_struct_ref_seq.pdbx_PDB_id_code              3DXS 
_struct_ref_seq.pdbx_strand_id                X 
_struct_ref_seq.seq_align_beg                 2 
_struct_ref_seq.pdbx_seq_align_beg_ins_code   ? 
_struct_ref_seq.seq_align_end                 74 
_struct_ref_seq.pdbx_seq_align_end_ins_code   ? 
_struct_ref_seq.pdbx_db_accession             Q9S7J8 
_struct_ref_seq.db_align_beg                  56 
_struct_ref_seq.pdbx_db_align_beg_ins_code    ? 
_struct_ref_seq.db_align_end                  128 
_struct_ref_seq.pdbx_db_align_end_ins_code    ? 
_struct_ref_seq.pdbx_auth_seq_align_beg       2 
_struct_ref_seq.pdbx_auth_seq_align_end       74 
# 
loop_
_struct_ref_seq_dif.align_id 
_struct_ref_seq_dif.pdbx_pdb_id_code 
_struct_ref_seq_dif.mon_id 
_struct_ref_seq_dif.pdbx_pdb_strand_id 
_struct_ref_seq_dif.seq_num 
_struct_ref_seq_dif.pdbx_pdb_ins_code 
_struct_ref_seq_dif.pdbx_seq_db_name 
_struct_ref_seq_dif.pdbx_seq_db_accession_code 
_struct_ref_seq_dif.db_mon_id 
_struct_ref_seq_dif.pdbx_seq_db_seq_num 
_struct_ref_seq_dif.details 
_struct_ref_seq_dif.pdbx_auth_seq_num 
_struct_ref_seq_dif.pdbx_ordinal 
1 3DXS MET X 1  ? UNP Q9S7J8 ?   ?   'initiating methionine' 1  1 
1 3DXS GLU X 59 ? UNP Q9S7J8 ALA 113 conflict                59 2 
1 3DXS TRP X 74 ? UNP Q9S7J8 GLN 128 'engineered mutation'   74 3 
# 
_pdbx_struct_assembly.id                   1 
_pdbx_struct_assembly.details              author_and_software_defined_assembly 
_pdbx_struct_assembly.method_details       PISA 
_pdbx_struct_assembly.oligomeric_details   monomeric 
_pdbx_struct_assembly.oligomeric_count     1 
# 
_pdbx_struct_assembly_gen.assembly_id       1 
_pdbx_struct_assembly_gen.oper_expression   1 
_pdbx_struct_assembly_gen.asym_id_list      A,B,C,D 
# 
_pdbx_struct_oper_list.id                   1 
_pdbx_struct_oper_list.type                 'identity operation' 
_pdbx_struct_oper_list.name                 1_555 
_pdbx_struct_oper_list.symmetry_operation   x,y,z 
_pdbx_struct_oper_list.matrix[1][1]         1.0000000000 
_pdbx_struct_oper_list.matrix[1][2]         0.0000000000 
_pdbx_struct_oper_list.matrix[1][3]         0.0000000000 
_pdbx_struct_oper_list.vector[1]            0.0000000000 
_pdbx_struct_oper_list.matrix[2][1]         0.0000000000 
_pdbx_struct_oper_list.matrix[2][2]         1.0000000000 
_pdbx_struct_oper_list.matrix[2][3]         0.0000000000 
_pdbx_struct_oper_list.vector[2]            0.0000000000 
_pdbx_struct_oper_list.matrix[3][1]         0.0000000000 
_pdbx_struct_oper_list.matrix[3][2]         0.0000000000 
_pdbx_struct_oper_list.matrix[3][3]         1.0000000000 
_pdbx_struct_oper_list.vector[3]            0.0000000000 
# 
_struct_biol.id        1 
_struct_biol.details   ? 
# 
loop_
_struct_conf.conf_type_id 
_struct_conf.id 
_struct_conf.pdbx_PDB_helix_id 
_struct_conf.beg_label_comp_id 
_struct_conf.beg_label_asym_id 
_struct_conf.beg_label_seq_id 
_struct_conf.pdbx_beg_PDB_ins_code 
_struct_conf.end_label_comp_id 
_struct_conf.end_label_asym_id 
_struct_conf.end_label_seq_id 
_struct_conf.pdbx_end_PDB_ins_code 
_struct_conf.beg_auth_comp_id 
_struct_conf.beg_auth_asym_id 
_struct_conf.beg_auth_seq_id 
_struct_conf.end_auth_comp_id 
_struct_conf.end_auth_asym_id 
_struct_conf.end_auth_seq_id 
_struct_conf.pdbx_PDB_helix_class 
_struct_conf.details 
_struct_conf.pdbx_PDB_helix_length 
HELX_P HELX_P1 1 CYS A 13 ? ASN A 26 ? CYS X 13 ASN X 26 1 ? 14 
HELX_P HELX_P2 2 LEU A 37 ? GLN A 39 ? LEU X 37 GLN X 39 5 ? 3  
HELX_P HELX_P3 3 LYS A 52 ? GLY A 64 ? LYS X 52 GLY X 64 1 ? 13 
# 
_struct_conf_type.id          HELX_P 
_struct_conf_type.criteria    ? 
_struct_conf_type.reference   ? 
# 
loop_
_struct_conn.id 
_struct_conn.conn_type_id 
_struct_conn.pdbx_leaving_atom_flag 
_struct_conn.pdbx_PDB_id 
_struct_conn.ptnr1_label_asym_id 
_struct_conn.ptnr1_label_comp_id 
_struct_conn.ptnr1_label_seq_id 
_struct_conn.ptnr1_label_atom_id 
_struct_conn.pdbx_ptnr1_label_alt_id 
_struct_conn.pdbx_ptnr1_PDB_ins_code 
_struct_conn.pdbx_ptnr1_standard_comp_id 
_struct_conn.ptnr1_symmetry 
_struct_conn.ptnr2_label_asym_id 
_struct_conn.ptnr2_label_comp_id 
_struct_conn.ptnr2_label_seq_id 
_struct_conn.ptnr2_label_atom_id 
_struct_conn.pdbx_ptnr2_label_alt_id 
_struct_conn.pdbx_ptnr2_PDB_ins_code 
_struct_conn.ptnr1_auth_asym_id 
_struct_conn.ptnr1_auth_comp_id 
_struct_conn.ptnr1_auth_seq_id 
_struct_conn.ptnr2_auth_asym_id 
_struct_conn.ptnr2_auth_comp_id 
_struct_conn.ptnr2_auth_seq_id 
_struct_conn.ptnr2_symmetry 
_struct_conn.pdbx_ptnr3_label_atom_id 
_struct_conn.pdbx_ptnr3_label_seq_id 
_struct_conn.pdbx_ptnr3_label_comp_id 
_struct_conn.pdbx_ptnr3_label_asym_id 
_struct_conn.pdbx_ptnr3_label_alt_id 
_struct_conn.pdbx_ptnr3_PDB_ins_code 
_struct_conn.details 
_struct_conn.pdbx_dist_value 
_struct_conn.pdbx_value_order 
_struct_conn.pdbx_role 
metalc1 metalc ? ? A CYS 13 SG  ? ? ? 1_555 B ZN  . ZN ? ? X CYS 13 X ZN  75  1_555 ? ? ? ? ? ? ? 2.243 ? ? 
metalc2 metalc ? ? A CYS 16 SG  ? ? ? 1_555 B ZN  . ZN ? ? X CYS 16 X ZN  75  1_555 ? ? ? ? ? ? ? 2.229 ? ? 
metalc3 metalc ? ? A ASN 40 OD1 ? ? ? 1_555 C LI  . LI ? ? X ASN 40 X LI  76  1_555 ? ? ? ? ? ? ? 2.116 ? ? 
metalc4 metalc ? ? C LI  .  LI  ? ? ? 1_555 D HOH . O  ? ? X LI  76 X HOH 98  1_555 ? ? ? ? ? ? ? 1.906 ? ? 
metalc5 metalc ? ? C LI  .  LI  ? ? ? 1_555 D HOH . O  ? ? X LI  76 X HOH 99  1_555 ? ? ? ? ? ? ? 1.924 ? ? 
metalc6 metalc ? ? C LI  .  LI  ? ? ? 1_555 D HOH . O  ? ? X LI  76 X HOH 100 1_555 ? ? ? ? ? ? ? 1.989 ? ? 
# 
_struct_conn_type.id          metalc 
_struct_conn_type.criteria    ? 
_struct_conn_type.reference   ? 
# 
loop_
_pdbx_struct_conn_angle.id 
_pdbx_struct_conn_angle.ptnr1_label_atom_id 
_pdbx_struct_conn_angle.ptnr1_label_alt_id 
_pdbx_struct_conn_angle.ptnr1_label_asym_id 
_pdbx_struct_conn_angle.ptnr1_label_comp_id 
_pdbx_struct_conn_angle.ptnr1_label_seq_id 
_pdbx_struct_conn_angle.ptnr1_auth_atom_id 
_pdbx_struct_conn_angle.ptnr1_auth_asym_id 
_pdbx_struct_conn_angle.ptnr1_auth_comp_id 
_pdbx_struct_conn_angle.ptnr1_auth_seq_id 
_pdbx_struct_conn_angle.ptnr1_PDB_ins_code 
_pdbx_struct_conn_angle.ptnr1_symmetry 
_pdbx_struct_conn_angle.ptnr2_label_atom_id 
_pdbx_struct_conn_angle.ptnr2_label_alt_id 
_pdbx_struct_conn_angle.ptnr2_label_asym_id 
_pdbx_struct_conn_angle.ptnr2_label_comp_id 
_pdbx_struct_conn_angle.ptnr2_label_seq_id 
_pdbx_struct_conn_angle.ptnr2_auth_atom_id 
_pdbx_struct_conn_angle.ptnr2_auth_asym_id 
_pdbx_struct_conn_angle.ptnr2_auth_comp_id 
_pdbx_struct_conn_angle.ptnr2_auth_seq_id 
_pdbx_struct_conn_angle.ptnr2_PDB_ins_code 
_pdbx_struct_conn_angle.ptnr2_symmetry 
_pdbx_struct_conn_angle.ptnr3_label_atom_id 
_pdbx_struct_conn_angle.ptnr3_label_alt_id 
_pdbx_struct_conn_angle.ptnr3_label_asym_id 
_pdbx_struct_conn_angle.ptnr3_label_comp_id 
_pdbx_struct_conn_angle.ptnr3_label_seq_id 
_pdbx_struct_conn_angle.ptnr3_auth_atom_id 
_pdbx_struct_conn_angle.ptnr3_auth_asym_id 
_pdbx_struct_conn_angle.ptnr3_auth_comp_id 
_pdbx_struct_conn_angle.ptnr3_auth_seq_id 
_pdbx_struct_conn_angle.ptnr3_PDB_ins_code 
_pdbx_struct_conn_angle.ptnr3_symmetry 
_pdbx_struct_conn_angle.value 
_pdbx_struct_conn_angle.value_esd 
1 SG  ? A CYS 13 ? X CYS 13 ? 1_555 ZN ? B ZN . ? X ZN 75 ? 1_555 SG ? A CYS 16 ? X CYS 16  ? 1_555 129.2 ? 
2 OD1 ? A ASN 40 ? X ASN 40 ? 1_555 LI ? C LI . ? X LI 76 ? 1_555 O  ? D HOH .  ? X HOH 98  ? 1_555 90.2  ? 
3 OD1 ? A ASN 40 ? X ASN 40 ? 1_555 LI ? C LI . ? X LI 76 ? 1_555 O  ? D HOH .  ? X HOH 99  ? 1_555 105.1 ? 
4 O   ? D HOH .  ? X HOH 98 ? 1_555 LI ? C LI . ? X LI 76 ? 1_555 O  ? D HOH .  ? X HOH 99  ? 1_555 108.5 ? 
5 OD1 ? A ASN 40 ? X ASN 40 ? 1_555 LI ? C LI . ? X LI 76 ? 1_555 O  ? D HOH .  ? X HOH 100 ? 1_555 101.0 ? 
6 O   ? D HOH .  ? X HOH 98 ? 1_555 LI ? C LI . ? X LI 76 ? 1_555 O  ? D HOH .  ? X HOH 100 ? 1_555 133.0 ? 
7 O   ? D HOH .  ? X HOH 99 ? 1_555 LI ? C LI . ? X LI 76 ? 1_555 O  ? D HOH .  ? X HOH 100 ? 1_555 112.1 ? 
# 
_struct_sheet.id               A 
_struct_sheet.type             ? 
_struct_sheet.number_strands   4 
_struct_sheet.details          ? 
# 
loop_
_struct_sheet_order.sheet_id 
_struct_sheet_order.range_id_1 
_struct_sheet_order.range_id_2 
_struct_sheet_order.offset 
_struct_sheet_order.sense 
A 1 2 ? anti-parallel 
A 2 3 ? anti-parallel 
A 3 4 ? anti-parallel 
# 
loop_
_struct_sheet_range.sheet_id 
_struct_sheet_range.id 
_struct_sheet_range.beg_label_comp_id 
_struct_sheet_range.beg_label_asym_id 
_struct_sheet_range.beg_label_seq_id 
_struct_sheet_range.pdbx_beg_PDB_ins_code 
_struct_sheet_range.end_label_comp_id 
_struct_sheet_range.end_label_asym_id 
_struct_sheet_range.end_label_seq_id 
_struct_sheet_range.pdbx_end_PDB_ins_code 
_struct_sheet_range.beg_auth_comp_id 
_struct_sheet_range.beg_auth_asym_id 
_struct_sheet_range.beg_auth_seq_id 
_struct_sheet_range.end_auth_comp_id 
_struct_sheet_range.end_auth_asym_id 
_struct_sheet_range.end_auth_seq_id 
A 1 VAL A 30 ? ALA A 36 ? VAL X 30 ALA X 36 
A 2 ARG A 41 ? PHE A 46 ? ARG X 41 PHE X 46 
A 3 ARG A 2  ? THR A 9  ? ARG X 2  THR X 9  
A 4 GLU A 66 ? GLU A 72 ? GLU X 66 GLU X 72 
# 
loop_
_pdbx_struct_sheet_hbond.sheet_id 
_pdbx_struct_sheet_hbond.range_id_1 
_pdbx_struct_sheet_hbond.range_id_2 
_pdbx_struct_sheet_hbond.range_1_label_atom_id 
_pdbx_struct_sheet_hbond.range_1_label_comp_id 
_pdbx_struct_sheet_hbond.range_1_label_asym_id 
_pdbx_struct_sheet_hbond.range_1_label_seq_id 
_pdbx_struct_sheet_hbond.range_1_PDB_ins_code 
_pdbx_struct_sheet_hbond.range_1_auth_atom_id 
_pdbx_struct_sheet_hbond.range_1_auth_comp_id 
_pdbx_struct_sheet_hbond.range_1_auth_asym_id 
_pdbx_struct_sheet_hbond.range_1_auth_seq_id 
_pdbx_struct_sheet_hbond.range_2_label_atom_id 
_pdbx_struct_sheet_hbond.range_2_label_comp_id 
_pdbx_struct_sheet_hbond.range_2_label_asym_id 
_pdbx_struct_sheet_hbond.range_2_label_seq_id 
_pdbx_struct_sheet_hbond.range_2_PDB_ins_code 
_pdbx_struct_sheet_hbond.range_2_auth_atom_id 
_pdbx_struct_sheet_hbond.range_2_auth_comp_id 
_pdbx_struct_sheet_hbond.range_2_auth_asym_id 
_pdbx_struct_sheet_hbond.range_2_auth_seq_id 
A 1 2 N SER A 34 ? N SER X 34 O ASP A 43 ? O ASP X 43 
A 2 3 O ALA A 42 ? O ALA X 42 N VAL A 6  ? N VAL X 6  
A 3 4 N GLY A 7  ? N GLY X 7  O GLU A 68 ? O GLU X 68 
# 
loop_
_struct_site.id 
_struct_site.pdbx_evidence_code 
_struct_site.pdbx_auth_asym_id 
_struct_site.pdbx_auth_comp_id 
_struct_site.pdbx_auth_seq_id 
_struct_site.pdbx_auth_ins_code 
_struct_site.pdbx_num_residues 
_struct_site.details 
AC1 Software X ZN 75 ? 3 'BINDING SITE FOR RESIDUE ZN X 75' 
AC2 Software X LI 76 ? 5 'BINDING SITE FOR RESIDUE LI X 76' 
# 
loop_
_struct_site_gen.id 
_struct_site_gen.site_id 
_struct_site_gen.pdbx_num_res 
_struct_site_gen.label_comp_id 
_struct_site_gen.label_asym_id 
_struct_site_gen.label_seq_id 
_struct_site_gen.pdbx_auth_ins_code 
_struct_site_gen.auth_comp_id 
_struct_site_gen.auth_asym_id 
_struct_site_gen.auth_seq_id 
_struct_site_gen.label_atom_id 
_struct_site_gen.label_alt_id 
_struct_site_gen.symmetry 
_struct_site_gen.details 
1 AC1 3 MET A 1  ? MET X 1   . ? 2_665 ? 
2 AC1 3 CYS A 13 ? CYS X 13  . ? 1_555 ? 
3 AC1 3 CYS A 16 ? CYS X 16  . ? 1_555 ? 
4 AC2 5 ASN A 40 ? ASN X 40  . ? 1_555 ? 
5 AC2 5 LEU A 70 ? LEU X 70  . ? 4_566 ? 
6 AC2 5 HOH D .  ? HOH X 98  . ? 1_555 ? 
7 AC2 5 HOH D .  ? HOH X 99  . ? 1_555 ? 
8 AC2 5 HOH D .  ? HOH X 100 . ? 1_555 ? 
# 
loop_
_pdbx_validate_close_contact.id 
_pdbx_validate_close_contact.PDB_model_num 
_pdbx_validate_close_contact.auth_atom_id_1 
_pdbx_validate_close_contact.auth_asym_id_1 
_pdbx_validate_close_contact.auth_comp_id_1 
_pdbx_validate_close_contact.auth_seq_id_1 
_pdbx_validate_close_contact.PDB_ins_code_1 
_pdbx_validate_close_contact.label_alt_id_1 
_pdbx_validate_close_contact.auth_atom_id_2 
_pdbx_validate_close_contact.auth_asym_id_2 
_pdbx_validate_close_contact.auth_comp_id_2 
_pdbx_validate_close_contact.auth_seq_id_2 
_pdbx_validate_close_contact.PDB_ins_code_2 
_pdbx_validate_close_contact.label_alt_id_2 
_pdbx_validate_close_contact.dist 
1 1 O X LYS 3  ? ? OE2 X GLU 72  ? C 1.93 
2 1 O X ASP 47 ? ? O   X HOH 188 ? ? 2.12 
# 
loop_
_chem_comp_atom.comp_id 
_chem_comp_atom.atom_id 
_chem_comp_atom.type_symbol 
_chem_comp_atom.pdbx_aromatic_flag 
_chem_comp_atom.pdbx_stereo_config 
_chem_comp_atom.pdbx_ordinal 
ALA N    N  N N 1   
ALA CA   C  N S 2   
ALA C    C  N N 3   
ALA O    O  N N 4   
ALA CB   C  N N 5   
ALA OXT  O  N N 6   
ALA H    H  N N 7   
ALA H2   H  N N 8   
ALA HA   H  N N 9   
ALA HB1  H  N N 10  
ALA HB2  H  N N 11  
ALA HB3  H  N N 12  
ALA HXT  H  N N 13  
ARG N    N  N N 14  
ARG CA   C  N S 15  
ARG C    C  N N 16  
ARG O    O  N N 17  
ARG CB   C  N N 18  
ARG CG   C  N N 19  
ARG CD   C  N N 20  
ARG NE   N  N N 21  
ARG CZ   C  N N 22  
ARG NH1  N  N N 23  
ARG NH2  N  N N 24  
ARG OXT  O  N N 25  
ARG H    H  N N 26  
ARG H2   H  N N 27  
ARG HA   H  N N 28  
ARG HB2  H  N N 29  
ARG HB3  H  N N 30  
ARG HG2  H  N N 31  
ARG HG3  H  N N 32  
ARG HD2  H  N N 33  
ARG HD3  H  N N 34  
ARG HE   H  N N 35  
ARG HH11 H  N N 36  
ARG HH12 H  N N 37  
ARG HH21 H  N N 38  
ARG HH22 H  N N 39  
ARG HXT  H  N N 40  
ASN N    N  N N 41  
ASN CA   C  N S 42  
ASN C    C  N N 43  
ASN O    O  N N 44  
ASN CB   C  N N 45  
ASN CG   C  N N 46  
ASN OD1  O  N N 47  
ASN ND2  N  N N 48  
ASN OXT  O  N N 49  
ASN H    H  N N 50  
ASN H2   H  N N 51  
ASN HA   H  N N 52  
ASN HB2  H  N N 53  
ASN HB3  H  N N 54  
ASN HD21 H  N N 55  
ASN HD22 H  N N 56  
ASN HXT  H  N N 57  
ASP N    N  N N 58  
ASP CA   C  N S 59  
ASP C    C  N N 60  
ASP O    O  N N 61  
ASP CB   C  N N 62  
ASP CG   C  N N 63  
ASP OD1  O  N N 64  
ASP OD2  O  N N 65  
ASP OXT  O  N N 66  
ASP H    H  N N 67  
ASP H2   H  N N 68  
ASP HA   H  N N 69  
ASP HB2  H  N N 70  
ASP HB3  H  N N 71  
ASP HD2  H  N N 72  
ASP HXT  H  N N 73  
CYS N    N  N N 74  
CYS CA   C  N R 75  
CYS C    C  N N 76  
CYS O    O  N N 77  
CYS CB   C  N N 78  
CYS SG   S  N N 79  
CYS OXT  O  N N 80  
CYS H    H  N N 81  
CYS H2   H  N N 82  
CYS HA   H  N N 83  
CYS HB2  H  N N 84  
CYS HB3  H  N N 85  
CYS HG   H  N N 86  
CYS HXT  H  N N 87  
GLN N    N  N N 88  
GLN CA   C  N S 89  
GLN C    C  N N 90  
GLN O    O  N N 91  
GLN CB   C  N N 92  
GLN CG   C  N N 93  
GLN CD   C  N N 94  
GLN OE1  O  N N 95  
GLN NE2  N  N N 96  
GLN OXT  O  N N 97  
GLN H    H  N N 98  
GLN H2   H  N N 99  
GLN HA   H  N N 100 
GLN HB2  H  N N 101 
GLN HB3  H  N N 102 
GLN HG2  H  N N 103 
GLN HG3  H  N N 104 
GLN HE21 H  N N 105 
GLN HE22 H  N N 106 
GLN HXT  H  N N 107 
GLU N    N  N N 108 
GLU CA   C  N S 109 
GLU C    C  N N 110 
GLU O    O  N N 111 
GLU CB   C  N N 112 
GLU CG   C  N N 113 
GLU CD   C  N N 114 
GLU OE1  O  N N 115 
GLU OE2  O  N N 116 
GLU OXT  O  N N 117 
GLU H    H  N N 118 
GLU H2   H  N N 119 
GLU HA   H  N N 120 
GLU HB2  H  N N 121 
GLU HB3  H  N N 122 
GLU HG2  H  N N 123 
GLU HG3  H  N N 124 
GLU HE2  H  N N 125 
GLU HXT  H  N N 126 
GLY N    N  N N 127 
GLY CA   C  N N 128 
GLY C    C  N N 129 
GLY O    O  N N 130 
GLY OXT  O  N N 131 
GLY H    H  N N 132 
GLY H2   H  N N 133 
GLY HA2  H  N N 134 
GLY HA3  H  N N 135 
GLY HXT  H  N N 136 
HOH O    O  N N 137 
HOH H1   H  N N 138 
HOH H2   H  N N 139 
ILE N    N  N N 140 
ILE CA   C  N S 141 
ILE C    C  N N 142 
ILE O    O  N N 143 
ILE CB   C  N S 144 
ILE CG1  C  N N 145 
ILE CG2  C  N N 146 
ILE CD1  C  N N 147 
ILE OXT  O  N N 148 
ILE H    H  N N 149 
ILE H2   H  N N 150 
ILE HA   H  N N 151 
ILE HB   H  N N 152 
ILE HG12 H  N N 153 
ILE HG13 H  N N 154 
ILE HG21 H  N N 155 
ILE HG22 H  N N 156 
ILE HG23 H  N N 157 
ILE HD11 H  N N 158 
ILE HD12 H  N N 159 
ILE HD13 H  N N 160 
ILE HXT  H  N N 161 
LEU N    N  N N 162 
LEU CA   C  N S 163 
LEU C    C  N N 164 
LEU O    O  N N 165 
LEU CB   C  N N 166 
LEU CG   C  N N 167 
LEU CD1  C  N N 168 
LEU CD2  C  N N 169 
LEU OXT  O  N N 170 
LEU H    H  N N 171 
LEU H2   H  N N 172 
LEU HA   H  N N 173 
LEU HB2  H  N N 174 
LEU HB3  H  N N 175 
LEU HG   H  N N 176 
LEU HD11 H  N N 177 
LEU HD12 H  N N 178 
LEU HD13 H  N N 179 
LEU HD21 H  N N 180 
LEU HD22 H  N N 181 
LEU HD23 H  N N 182 
LEU HXT  H  N N 183 
LI  LI   LI N N 184 
LYS N    N  N N 185 
LYS CA   C  N S 186 
LYS C    C  N N 187 
LYS O    O  N N 188 
LYS CB   C  N N 189 
LYS CG   C  N N 190 
LYS CD   C  N N 191 
LYS CE   C  N N 192 
LYS NZ   N  N N 193 
LYS OXT  O  N N 194 
LYS H    H  N N 195 
LYS H2   H  N N 196 
LYS HA   H  N N 197 
LYS HB2  H  N N 198 
LYS HB3  H  N N 199 
LYS HG2  H  N N 200 
LYS HG3  H  N N 201 
LYS HD2  H  N N 202 
LYS HD3  H  N N 203 
LYS HE2  H  N N 204 
LYS HE3  H  N N 205 
LYS HZ1  H  N N 206 
LYS HZ2  H  N N 207 
LYS HZ3  H  N N 208 
LYS HXT  H  N N 209 
MET N    N  N N 210 
MET CA   C  N S 211 
MET C    C  N N 212 
MET O    O  N N 213 
MET CB   C  N N 214 
MET CG   C  N N 215 
MET SD   S  N N 216 
MET CE   C  N N 217 
MET OXT  O  N N 218 
MET H    H  N N 219 
MET H2   H  N N 220 
MET HA   H  N N 221 
MET HB2  H  N N 222 
MET HB3  H  N N 223 
MET HG2  H  N N 224 
MET HG3  H  N N 225 
MET HE1  H  N N 226 
MET HE2  H  N N 227 
MET HE3  H  N N 228 
MET HXT  H  N N 229 
PHE N    N  N N 230 
PHE CA   C  N S 231 
PHE C    C  N N 232 
PHE O    O  N N 233 
PHE CB   C  N N 234 
PHE CG   C  Y N 235 
PHE CD1  C  Y N 236 
PHE CD2  C  Y N 237 
PHE CE1  C  Y N 238 
PHE CE2  C  Y N 239 
PHE CZ   C  Y N 240 
PHE OXT  O  N N 241 
PHE H    H  N N 242 
PHE H2   H  N N 243 
PHE HA   H  N N 244 
PHE HB2  H  N N 245 
PHE HB3  H  N N 246 
PHE HD1  H  N N 247 
PHE HD2  H  N N 248 
PHE HE1  H  N N 249 
PHE HE2  H  N N 250 
PHE HZ   H  N N 251 
PHE HXT  H  N N 252 
PRO N    N  N N 253 
PRO CA   C  N S 254 
PRO C    C  N N 255 
PRO O    O  N N 256 
PRO CB   C  N N 257 
PRO CG   C  N N 258 
PRO CD   C  N N 259 
PRO OXT  O  N N 260 
PRO H    H  N N 261 
PRO HA   H  N N 262 
PRO HB2  H  N N 263 
PRO HB3  H  N N 264 
PRO HG2  H  N N 265 
PRO HG3  H  N N 266 
PRO HD2  H  N N 267 
PRO HD3  H  N N 268 
PRO HXT  H  N N 269 
SER N    N  N N 270 
SER CA   C  N S 271 
SER C    C  N N 272 
SER O    O  N N 273 
SER CB   C  N N 274 
SER OG   O  N N 275 
SER OXT  O  N N 276 
SER H    H  N N 277 
SER H2   H  N N 278 
SER HA   H  N N 279 
SER HB2  H  N N 280 
SER HB3  H  N N 281 
SER HG   H  N N 282 
SER HXT  H  N N 283 
THR N    N  N N 284 
THR CA   C  N S 285 
THR C    C  N N 286 
THR O    O  N N 287 
THR CB   C  N R 288 
THR OG1  O  N N 289 
THR CG2  C  N N 290 
THR OXT  O  N N 291 
THR H    H  N N 292 
THR H2   H  N N 293 
THR HA   H  N N 294 
THR HB   H  N N 295 
THR HG1  H  N N 296 
THR HG21 H  N N 297 
THR HG22 H  N N 298 
THR HG23 H  N N 299 
THR HXT  H  N N 300 
TRP N    N  N N 301 
TRP CA   C  N S 302 
TRP C    C  N N 303 
TRP O    O  N N 304 
TRP CB   C  N N 305 
TRP CG   C  Y N 306 
TRP CD1  C  Y N 307 
TRP CD2  C  Y N 308 
TRP NE1  N  Y N 309 
TRP CE2  C  Y N 310 
TRP CE3  C  Y N 311 
TRP CZ2  C  Y N 312 
TRP CZ3  C  Y N 313 
TRP CH2  C  Y N 314 
TRP OXT  O  N N 315 
TRP H    H  N N 316 
TRP H2   H  N N 317 
TRP HA   H  N N 318 
TRP HB2  H  N N 319 
TRP HB3  H  N N 320 
TRP HD1  H  N N 321 
TRP HE1  H  N N 322 
TRP HE3  H  N N 323 
TRP HZ2  H  N N 324 
TRP HZ3  H  N N 325 
TRP HH2  H  N N 326 
TRP HXT  H  N N 327 
VAL N    N  N N 328 
VAL CA   C  N S 329 
VAL C    C  N N 330 
VAL O    O  N N 331 
VAL CB   C  N N 332 
VAL CG1  C  N N 333 
VAL CG2  C  N N 334 
VAL OXT  O  N N 335 
VAL H    H  N N 336 
VAL H2   H  N N 337 
VAL HA   H  N N 338 
VAL HB   H  N N 339 
VAL HG11 H  N N 340 
VAL HG12 H  N N 341 
VAL HG13 H  N N 342 
VAL HG21 H  N N 343 
VAL HG22 H  N N 344 
VAL HG23 H  N N 345 
VAL HXT  H  N N 346 
ZN  ZN   ZN N N 347 
# 
loop_
_chem_comp_bond.comp_id 
_chem_comp_bond.atom_id_1 
_chem_comp_bond.atom_id_2 
_chem_comp_bond.value_order 
_chem_comp_bond.pdbx_aromatic_flag 
_chem_comp_bond.pdbx_stereo_config 
_chem_comp_bond.pdbx_ordinal 
ALA N   CA   sing N N 1   
ALA N   H    sing N N 2   
ALA N   H2   sing N N 3   
ALA CA  C    sing N N 4   
ALA CA  CB   sing N N 5   
ALA CA  HA   sing N N 6   
ALA C   O    doub N N 7   
ALA C   OXT  sing N N 8   
ALA CB  HB1  sing N N 9   
ALA CB  HB2  sing N N 10  
ALA CB  HB3  sing N N 11  
ALA OXT HXT  sing N N 12  
ARG N   CA   sing N N 13  
ARG N   H    sing N N 14  
ARG N   H2   sing N N 15  
ARG CA  C    sing N N 16  
ARG CA  CB   sing N N 17  
ARG CA  HA   sing N N 18  
ARG C   O    doub N N 19  
ARG C   OXT  sing N N 20  
ARG CB  CG   sing N N 21  
ARG CB  HB2  sing N N 22  
ARG CB  HB3  sing N N 23  
ARG CG  CD   sing N N 24  
ARG CG  HG2  sing N N 25  
ARG CG  HG3  sing N N 26  
ARG CD  NE   sing N N 27  
ARG CD  HD2  sing N N 28  
ARG CD  HD3  sing N N 29  
ARG NE  CZ   sing N N 30  
ARG NE  HE   sing N N 31  
ARG CZ  NH1  sing N N 32  
ARG CZ  NH2  doub N N 33  
ARG NH1 HH11 sing N N 34  
ARG NH1 HH12 sing N N 35  
ARG NH2 HH21 sing N N 36  
ARG NH2 HH22 sing N N 37  
ARG OXT HXT  sing N N 38  
ASN N   CA   sing N N 39  
ASN N   H    sing N N 40  
ASN N   H2   sing N N 41  
ASN CA  C    sing N N 42  
ASN CA  CB   sing N N 43  
ASN CA  HA   sing N N 44  
ASN C   O    doub N N 45  
ASN C   OXT  sing N N 46  
ASN CB  CG   sing N N 47  
ASN CB  HB2  sing N N 48  
ASN CB  HB3  sing N N 49  
ASN CG  OD1  doub N N 50  
ASN CG  ND2  sing N N 51  
ASN ND2 HD21 sing N N 52  
ASN ND2 HD22 sing N N 53  
ASN OXT HXT  sing N N 54  
ASP N   CA   sing N N 55  
ASP N   H    sing N N 56  
ASP N   H2   sing N N 57  
ASP CA  C    sing N N 58  
ASP CA  CB   sing N N 59  
ASP CA  HA   sing N N 60  
ASP C   O    doub N N 61  
ASP C   OXT  sing N N 62  
ASP CB  CG   sing N N 63  
ASP CB  HB2  sing N N 64  
ASP CB  HB3  sing N N 65  
ASP CG  OD1  doub N N 66  
ASP CG  OD2  sing N N 67  
ASP OD2 HD2  sing N N 68  
ASP OXT HXT  sing N N 69  
CYS N   CA   sing N N 70  
CYS N   H    sing N N 71  
CYS N   H2   sing N N 72  
CYS CA  C    sing N N 73  
CYS CA  CB   sing N N 74  
CYS CA  HA   sing N N 75  
CYS C   O    doub N N 76  
CYS C   OXT  sing N N 77  
CYS CB  SG   sing N N 78  
CYS CB  HB2  sing N N 79  
CYS CB  HB3  sing N N 80  
CYS SG  HG   sing N N 81  
CYS OXT HXT  sing N N 82  
GLN N   CA   sing N N 83  
GLN N   H    sing N N 84  
GLN N   H2   sing N N 85  
GLN CA  C    sing N N 86  
GLN CA  CB   sing N N 87  
GLN CA  HA   sing N N 88  
GLN C   O    doub N N 89  
GLN C   OXT  sing N N 90  
GLN CB  CG   sing N N 91  
GLN CB  HB2  sing N N 92  
GLN CB  HB3  sing N N 93  
GLN CG  CD   sing N N 94  
GLN CG  HG2  sing N N 95  
GLN CG  HG3  sing N N 96  
GLN CD  OE1  doub N N 97  
GLN CD  NE2  sing N N 98  
GLN NE2 HE21 sing N N 99  
GLN NE2 HE22 sing N N 100 
GLN OXT HXT  sing N N 101 
GLU N   CA   sing N N 102 
GLU N   H    sing N N 103 
GLU N   H2   sing N N 104 
GLU CA  C    sing N N 105 
GLU CA  CB   sing N N 106 
GLU CA  HA   sing N N 107 
GLU C   O    doub N N 108 
GLU C   OXT  sing N N 109 
GLU CB  CG   sing N N 110 
GLU CB  HB2  sing N N 111 
GLU CB  HB3  sing N N 112 
GLU CG  CD   sing N N 113 
GLU CG  HG2  sing N N 114 
GLU CG  HG3  sing N N 115 
GLU CD  OE1  doub N N 116 
GLU CD  OE2  sing N N 117 
GLU OE2 HE2  sing N N 118 
GLU OXT HXT  sing N N 119 
GLY N   CA   sing N N 120 
GLY N   H    sing N N 121 
GLY N   H2   sing N N 122 
GLY CA  C    sing N N 123 
GLY CA  HA2  sing N N 124 
GLY CA  HA3  sing N N 125 
GLY C   O    doub N N 126 
GLY C   OXT  sing N N 127 
GLY OXT HXT  sing N N 128 
HOH O   H1   sing N N 129 
HOH O   H2   sing N N 130 
ILE N   CA   sing N N 131 
ILE N   H    sing N N 132 
ILE N   H2   sing N N 133 
ILE CA  C    sing N N 134 
ILE CA  CB   sing N N 135 
ILE CA  HA   sing N N 136 
ILE C   O    doub N N 137 
ILE C   OXT  sing N N 138 
ILE CB  CG1  sing N N 139 
ILE CB  CG2  sing N N 140 
ILE CB  HB   sing N N 141 
ILE CG1 CD1  sing N N 142 
ILE CG1 HG12 sing N N 143 
ILE CG1 HG13 sing N N 144 
ILE CG2 HG21 sing N N 145 
ILE CG2 HG22 sing N N 146 
ILE CG2 HG23 sing N N 147 
ILE CD1 HD11 sing N N 148 
ILE CD1 HD12 sing N N 149 
ILE CD1 HD13 sing N N 150 
ILE OXT HXT  sing N N 151 
LEU N   CA   sing N N 152 
LEU N   H    sing N N 153 
LEU N   H2   sing N N 154 
LEU CA  C    sing N N 155 
LEU CA  CB   sing N N 156 
LEU CA  HA   sing N N 157 
LEU C   O    doub N N 158 
LEU C   OXT  sing N N 159 
LEU CB  CG   sing N N 160 
LEU CB  HB2  sing N N 161 
LEU CB  HB3  sing N N 162 
LEU CG  CD1  sing N N 163 
LEU CG  CD2  sing N N 164 
LEU CG  HG   sing N N 165 
LEU CD1 HD11 sing N N 166 
LEU CD1 HD12 sing N N 167 
LEU CD1 HD13 sing N N 168 
LEU CD2 HD21 sing N N 169 
LEU CD2 HD22 sing N N 170 
LEU CD2 HD23 sing N N 171 
LEU OXT HXT  sing N N 172 
LYS N   CA   sing N N 173 
LYS N   H    sing N N 174 
LYS N   H2   sing N N 175 
LYS CA  C    sing N N 176 
LYS CA  CB   sing N N 177 
LYS CA  HA   sing N N 178 
LYS C   O    doub N N 179 
LYS C   OXT  sing N N 180 
LYS CB  CG   sing N N 181 
LYS CB  HB2  sing N N 182 
LYS CB  HB3  sing N N 183 
LYS CG  CD   sing N N 184 
LYS CG  HG2  sing N N 185 
LYS CG  HG3  sing N N 186 
LYS CD  CE   sing N N 187 
LYS CD  HD2  sing N N 188 
LYS CD  HD3  sing N N 189 
LYS CE  NZ   sing N N 190 
LYS CE  HE2  sing N N 191 
LYS CE  HE3  sing N N 192 
LYS NZ  HZ1  sing N N 193 
LYS NZ  HZ2  sing N N 194 
LYS NZ  HZ3  sing N N 195 
LYS OXT HXT  sing N N 196 
MET N   CA   sing N N 197 
MET N   H    sing N N 198 
MET N   H2   sing N N 199 
MET CA  C    sing N N 200 
MET CA  CB   sing N N 201 
MET CA  HA   sing N N 202 
MET C   O    doub N N 203 
MET C   OXT  sing N N 204 
MET CB  CG   sing N N 205 
MET CB  HB2  sing N N 206 
MET CB  HB3  sing N N 207 
MET CG  SD   sing N N 208 
MET CG  HG2  sing N N 209 
MET CG  HG3  sing N N 210 
MET SD  CE   sing N N 211 
MET CE  HE1  sing N N 212 
MET CE  HE2  sing N N 213 
MET CE  HE3  sing N N 214 
MET OXT HXT  sing N N 215 
PHE N   CA   sing N N 216 
PHE N   H    sing N N 217 
PHE N   H2   sing N N 218 
PHE CA  C    sing N N 219 
PHE CA  CB   sing N N 220 
PHE CA  HA   sing N N 221 
PHE C   O    doub N N 222 
PHE C   OXT  sing N N 223 
PHE CB  CG   sing N N 224 
PHE CB  HB2  sing N N 225 
PHE CB  HB3  sing N N 226 
PHE CG  CD1  doub Y N 227 
PHE CG  CD2  sing Y N 228 
PHE CD1 CE1  sing Y N 229 
PHE CD1 HD1  sing N N 230 
PHE CD2 CE2  doub Y N 231 
PHE CD2 HD2  sing N N 232 
PHE CE1 CZ   doub Y N 233 
PHE CE1 HE1  sing N N 234 
PHE CE2 CZ   sing Y N 235 
PHE CE2 HE2  sing N N 236 
PHE CZ  HZ   sing N N 237 
PHE OXT HXT  sing N N 238 
PRO N   CA   sing N N 239 
PRO N   CD   sing N N 240 
PRO N   H    sing N N 241 
PRO CA  C    sing N N 242 
PRO CA  CB   sing N N 243 
PRO CA  HA   sing N N 244 
PRO C   O    doub N N 245 
PRO C   OXT  sing N N 246 
PRO CB  CG   sing N N 247 
PRO CB  HB2  sing N N 248 
PRO CB  HB3  sing N N 249 
PRO CG  CD   sing N N 250 
PRO CG  HG2  sing N N 251 
PRO CG  HG3  sing N N 252 
PRO CD  HD2  sing N N 253 
PRO CD  HD3  sing N N 254 
PRO OXT HXT  sing N N 255 
SER N   CA   sing N N 256 
SER N   H    sing N N 257 
SER N   H2   sing N N 258 
SER CA  C    sing N N 259 
SER CA  CB   sing N N 260 
SER CA  HA   sing N N 261 
SER C   O    doub N N 262 
SER C   OXT  sing N N 263 
SER CB  OG   sing N N 264 
SER CB  HB2  sing N N 265 
SER CB  HB3  sing N N 266 
SER OG  HG   sing N N 267 
SER OXT HXT  sing N N 268 
THR N   CA   sing N N 269 
THR N   H    sing N N 270 
THR N   H2   sing N N 271 
THR CA  C    sing N N 272 
THR CA  CB   sing N N 273 
THR CA  HA   sing N N 274 
THR C   O    doub N N 275 
THR C   OXT  sing N N 276 
THR CB  OG1  sing N N 277 
THR CB  CG2  sing N N 278 
THR CB  HB   sing N N 279 
THR OG1 HG1  sing N N 280 
THR CG2 HG21 sing N N 281 
THR CG2 HG22 sing N N 282 
THR CG2 HG23 sing N N 283 
THR OXT HXT  sing N N 284 
TRP N   CA   sing N N 285 
TRP N   H    sing N N 286 
TRP N   H2   sing N N 287 
TRP CA  C    sing N N 288 
TRP CA  CB   sing N N 289 
TRP CA  HA   sing N N 290 
TRP C   O    doub N N 291 
TRP C   OXT  sing N N 292 
TRP CB  CG   sing N N 293 
TRP CB  HB2  sing N N 294 
TRP CB  HB3  sing N N 295 
TRP CG  CD1  doub Y N 296 
TRP CG  CD2  sing Y N 297 
TRP CD1 NE1  sing Y N 298 
TRP CD1 HD1  sing N N 299 
TRP CD2 CE2  doub Y N 300 
TRP CD2 CE3  sing Y N 301 
TRP NE1 CE2  sing Y N 302 
TRP NE1 HE1  sing N N 303 
TRP CE2 CZ2  sing Y N 304 
TRP CE3 CZ3  doub Y N 305 
TRP CE3 HE3  sing N N 306 
TRP CZ2 CH2  doub Y N 307 
TRP CZ2 HZ2  sing N N 308 
TRP CZ3 CH2  sing Y N 309 
TRP CZ3 HZ3  sing N N 310 
TRP CH2 HH2  sing N N 311 
TRP OXT HXT  sing N N 312 
VAL N   CA   sing N N 313 
VAL N   H    sing N N 314 
VAL N   H2   sing N N 315 
VAL CA  C    sing N N 316 
VAL CA  CB   sing N N 317 
VAL CA  HA   sing N N 318 
VAL C   O    doub N N 319 
VAL C   OXT  sing N N 320 
VAL CB  CG1  sing N N 321 
VAL CB  CG2  sing N N 322 
VAL CB  HB   sing N N 323 
VAL CG1 HG11 sing N N 324 
VAL CG1 HG12 sing N N 325 
VAL CG1 HG13 sing N N 326 
VAL CG2 HG21 sing N N 327 
VAL CG2 HG22 sing N N 328 
VAL CG2 HG23 sing N N 329 
VAL OXT HXT  sing N N 330 
# 
_atom_sites.entry_id                    3DXS 
_atom_sites.fract_transf_matrix[1][1]   0.01048366 
_atom_sites.fract_transf_matrix[1][2]   -0.00295107 
_atom_sites.fract_transf_matrix[1][3]   0.03486973 
_atom_sites.fract_transf_matrix[2][1]   -0.00831218 
_atom_sites.fract_transf_matrix[2][2]   0.02042911 
_atom_sites.fract_transf_matrix[2][3]   0.00422802 
_atom_sites.fract_transf_matrix[3][1]   -0.01794997 
_atom_sites.fract_transf_matrix[3][2]   -0.00827543 
_atom_sites.fract_transf_matrix[3][3]   0.00469634 
_atom_sites.fract_transf_vector[1]      0.653107 
_atom_sites.fract_transf_vector[2]      0.499209 
_atom_sites.fract_transf_vector[3]      0.458771 
# 
loop_
_atom_type.symbol 
C  
LI 
N  
O  
S  
ZN 
# 
loop_
_atom_site.group_PDB 
_atom_site.id 
_atom_site.type_symbol 
_atom_site.label_atom_id 
_atom_site.label_alt_id 
_atom_site.label_comp_id 
_atom_site.label_asym_id 
_atom_site.label_entity_id 
_atom_site.label_seq_id 
_atom_site.pdbx_PDB_ins_code 
_atom_site.Cartn_x 
_atom_site.Cartn_y 
_atom_site.Cartn_z 
_atom_site.occupancy 
_atom_site.B_iso_or_equiv 
_atom_site.pdbx_formal_charge 
_atom_site.auth_seq_id 
_atom_site.auth_comp_id 
_atom_site.auth_asym_id 
_atom_site.auth_atom_id 
_atom_site.pdbx_PDB_model_num 
ATOM   1   N  N   . MET A 1 1  ? 13.603  -1.616  -8.896  1.00 9.43  ? 1   MET X N   1 
ATOM   2   C  CA  . MET A 1 1  ? 12.353  -1.243  -8.146  1.00 9.32  ? 1   MET X CA  1 
ATOM   3   C  C   . MET A 1 1  ? 11.678  -0.060  -8.800  1.00 9.11  ? 1   MET X C   1 
ATOM   4   O  O   . MET A 1 1  ? 12.303  0.782   -9.444  1.00 9.16  ? 1   MET X O   1 
ATOM   5   C  CB  . MET A 1 1  ? 12.659  -0.829  -6.698  1.00 9.63  ? 1   MET X CB  1 
ATOM   6   C  CG  . MET A 1 1  ? 13.535  -1.754  -5.878  1.00 10.56 ? 1   MET X CG  1 
ATOM   7   S  SD  . MET A 1 1  ? 12.672  -3.285  -5.558  1.00 11.63 ? 1   MET X SD  1 
ATOM   8   C  CE  . MET A 1 1  ? 13.825  -4.083  -4.445  1.00 11.43 ? 1   MET X CE  1 
ATOM   9   N  N   . ARG A 1 2  ? 10.384  -0.008  -8.554  1.00 9.44  ? 2   ARG X N   1 
ATOM   10  C  CA  . ARG A 1 2  ? 9.542   1.146   -8.843  1.00 9.44  ? 2   ARG X CA  1 
ATOM   11  C  C   . ARG A 1 2  ? 8.919   1.598   -7.543  1.00 9.22  ? 2   ARG X C   1 
ATOM   12  O  O   . ARG A 1 2  ? 8.911   0.852   -6.562  1.00 9.41  ? 2   ARG X O   1 
ATOM   13  C  CB  . ARG A 1 2  ? 8.461   0.774   -9.846  1.00 9.45  ? 2   ARG X CB  1 
ATOM   14  C  CG  . ARG A 1 2  ? 9.004   0.379   -11.206 1.00 11.70 ? 2   ARG X CG  1 
ATOM   15  N  N   . LYS A 1 3  ? 8.426   2.832   -7.520  1.00 8.97  ? 3   LYS X N   1 
ATOM   16  C  CA  . LYS A 1 3  ? 7.724   3.355   -6.337  1.00 8.69  ? 3   LYS X CA  1 
ATOM   17  C  C   . LYS A 1 3  ? 6.395   3.982   -6.713  1.00 8.81  ? 3   LYS X C   1 
ATOM   18  O  O   . LYS A 1 3  ? 6.316   4.807   -7.616  1.00 9.20  ? 3   LYS X O   1 
ATOM   19  C  CB  . LYS A 1 3  ? 8.588   4.387   -5.597  1.00 8.59  ? 3   LYS X CB  1 
ATOM   20  C  CG  . LYS A 1 3  ? 7.976   4.893   -4.289  1.00 8.49  ? 3   LYS X CG  1 
ATOM   21  C  CD  . LYS A 1 3  ? 8.872   5.914   -3.602  1.00 9.71  ? 3   LYS X CD  1 
ATOM   22  C  CE  . LYS A 1 3  ? 8.326   6.377   -2.250  1.00 10.64 ? 3   LYS X CE  1 
ATOM   23  N  NZ  . LYS A 1 3  ? 9.113   7.525   -1.665  1.00 10.50 ? 3   LYS X NZ  1 
ATOM   24  N  N   . ILE A 1 4  ? 5.361   3.557   -6.007  1.00 8.70  ? 4   ILE X N   1 
ATOM   25  C  CA  . ILE A 1 4  ? 3.985   4.082   -6.208  1.00 8.71  ? 4   ILE X CA  1 
ATOM   26  C  C   . ILE A 1 4  ? 3.426   4.690   -4.933  1.00 8.41  ? 4   ILE X C   1 
ATOM   27  O  O   . ILE A 1 4  ? 3.785   4.316   -3.822  1.00 8.78  ? 4   ILE X O   1 
ATOM   28  C  CB  . ILE A 1 4  ? 2.986   3.035   -6.759  1.00 8.79  ? 4   ILE X CB  1 
ATOM   29  C  CG1 . ILE A 1 4  ? 2.940   1.776   -5.876  1.00 8.29  ? 4   ILE X CG1 1 
ATOM   30  C  CG2 . ILE A 1 4  ? 3.321   2.719   -8.189  1.00 9.90  ? 4   ILE X CG2 1 
ATOM   31  C  CD1 . ILE A 1 4  ? 2.001   0.699   -6.352  1.00 7.68  ? 4   ILE X CD1 1 
ATOM   32  N  N   . GLN A 1 5  ? 2.550   5.656   -5.148  1.00 8.44  ? 5   GLN X N   1 
ATOM   33  C  CA  . GLN A 1 5  ? 1.773   6.294   -4.093  1.00 8.24  ? 5   GLN X CA  1 
ATOM   34  C  C   . GLN A 1 5  ? 0.351   5.806   -4.181  1.00 8.47  ? 5   GLN X C   1 
ATOM   35  O  O   . GLN A 1 5  ? -0.356  6.070   -5.139  1.00 8.70  ? 5   GLN X O   1 
ATOM   36  C  CB  . GLN A 1 5  ? 1.823   7.820   -4.250  1.00 8.38  ? 5   GLN X CB  1 
ATOM   37  C  CG  . GLN A 1 5  ? 3.232   8.366   -4.262  1.00 7.83  ? 5   GLN X CG  1 
ATOM   38  C  CD  . GLN A 1 5  ? 3.323   9.848   -4.609  1.00 9.33  ? 5   GLN X CD  1 
ATOM   39  O  OE1 . GLN A 1 5  ? 2.319   10.496  -4.928  1.00 10.28 ? 5   GLN X OE1 1 
ATOM   40  N  NE2 . GLN A 1 5  ? 4.537   10.392  -4.546  1.00 7.55  ? 5   GLN X NE2 1 
ATOM   41  N  N   . VAL A 1 6  ? -0.036  5.036   -3.176  1.00 8.45  ? 6   VAL X N   1 
ATOM   42  C  CA  . VAL A 1 6  ? -1.356  4.412   -3.130  1.00 8.43  ? 6   VAL X CA  1 
ATOM   43  C  C   . VAL A 1 6  ? -2.265  5.159   -2.177  1.00 8.24  ? 6   VAL X C   1 
ATOM   44  O  O   . VAL A 1 6  ? -1.896  5.504   -1.060  1.00 8.80  ? 6   VAL X O   1 
ATOM   45  C  CB  . VAL A 1 6  ? -1.253  2.926   -2.690  1.00 8.25  ? 6   VAL X CB  1 
ATOM   46  C  CG1 . VAL A 1 6  ? -2.571  2.214   -2.890  1.00 8.21  ? 6   VAL X CG1 1 
ATOM   47  C  CG2 . VAL A 1 6  ? -0.151  2.212   -3.452  1.00 8.72  ? 6   VAL X CG2 1 
ATOM   48  N  N   . GLY A 1 7  ? -3.471  5.413   -2.646  1.00 8.80  ? 7   GLY X N   1 
ATOM   49  C  CA  . GLY A 1 7  ? -4.510  5.987   -1.800  1.00 8.94  ? 7   GLY X CA  1 
ATOM   50  C  C   . GLY A 1 7  ? -5.195  4.869   -1.048  1.00 8.93  ? 7   GLY X C   1 
ATOM   51  O  O   . GLY A 1 7  ? -5.484  3.812   -1.597  1.00 8.96  ? 7   GLY X O   1 
ATOM   52  N  N   . VAL A 1 8  ? -5.419  5.118   0.233   1.00 9.28  ? 8   VAL X N   1 
ATOM   53  C  CA  . VAL A 1 8  ? -6.097  4.172   1.109   1.00 9.78  ? 8   VAL X CA  1 
ATOM   54  C  C   . VAL A 1 8  ? -7.164  4.867   1.937   1.00 10.11 ? 8   VAL X C   1 
ATOM   55  O  O   . VAL A 1 8  ? -6.898  5.876   2.590   1.00 11.08 ? 8   VAL X O   1 
ATOM   56  C  CB  . VAL A 1 8  ? -5.098  3.506   2.067   1.00 9.48  ? 8   VAL X CB  1 
ATOM   57  C  CG1 . VAL A 1 8  ? -5.793  2.417   2.901   1.00 10.28 ? 8   VAL X CG1 1 
ATOM   58  C  CG2 . VAL A 1 8  ? -3.875  2.961   1.292   1.00 9.55  ? 8   VAL X CG2 1 
ATOM   59  N  N   . THR A 1 9  ? -8.372  4.321   1.879   1.00 10.46 ? 9   THR X N   1 
ATOM   60  C  CA  A THR A 1 9  ? -9.442  4.849   2.723   0.50 10.41 ? 9   THR X CA  1 
ATOM   61  C  CA  B THR A 1 9  ? -9.547  4.801   2.635   0.50 10.48 ? 9   THR X CA  1 
ATOM   62  C  C   . THR A 1 9  ? -9.893  3.840   3.764   1.00 10.50 ? 9   THR X C   1 
ATOM   63  O  O   . THR A 1 9  ? -9.904  2.629   3.565   1.00 10.74 ? 9   THR X O   1 
ATOM   64  C  CB  A THR A 1 9  ? -10.611 5.449   1.910   0.50 10.48 ? 9   THR X CB  1 
ATOM   65  C  CB  B THR A 1 9  ? -10.784 4.884   1.708   0.50 10.69 ? 9   THR X CB  1 
ATOM   66  O  OG1 A THR A 1 9  ? -11.264 4.436   1.139   0.50 10.86 ? 9   THR X OG1 1 
ATOM   67  O  OG1 B THR A 1 9  ? -10.581 5.892   0.711   0.50 10.89 ? 9   THR X OG1 1 
ATOM   68  C  CG2 A THR A 1 9  ? -10.098 6.552   0.992   0.50 9.94  ? 9   THR X CG2 1 
ATOM   69  C  CG2 B THR A 1 9  ? -12.055 5.186   2.499   0.50 10.56 ? 9   THR X CG2 1 
ATOM   70  N  N   . GLY A 1 10 ? -10.179 4.385   4.928   1.00 10.88 ? 10  GLY X N   1 
ATOM   71  C  CA  . GLY A 1 10 ? -10.669 3.595   6.039   1.00 11.08 ? 10  GLY X CA  1 
ATOM   72  C  C   . GLY A 1 10 ? -9.780  3.549   7.251   1.00 10.91 ? 10  GLY X C   1 
ATOM   73  O  O   . GLY A 1 10 ? -10.187 3.078   8.305   1.00 11.01 ? 10  GLY X O   1 
ATOM   74  N  N   . MET A 1 11 ? -8.556  4.032   7.098   1.00 10.56 ? 11  MET X N   1 
ATOM   75  C  CA  . MET A 1 11 ? -7.612  4.062   8.228   1.00 10.30 ? 11  MET X CA  1 
ATOM   76  C  C   . MET A 1 11 ? -7.968  5.186   9.164   1.00 10.02 ? 11  MET X C   1 
ATOM   77  O  O   . MET A 1 11 ? -8.000  6.348   8.758   1.00 9.88  ? 11  MET X O   1 
ATOM   78  C  CB  . MET A 1 11 ? -6.165  4.269   7.765   1.00 10.23 ? 11  MET X CB  1 
ATOM   79  C  CG  . MET A 1 11 ? -5.669  3.281   6.722   1.00 10.86 ? 11  MET X CG  1 
ATOM   80  S  SD  . MET A 1 11 ? -3.905  3.493   6.435   1.00 11.71 ? 11  MET X SD  1 
ATOM   81  C  CE  . MET A 1 11 ? -3.911  5.111   5.654   1.00 12.33 ? 11  MET X CE  1 
ATOM   82  N  N   . THR A 1 12 ? -8.220  4.843   10.421  1.00 9.59  ? 12  THR X N   1 
ATOM   83  C  CA  . THR A 1 12 ? -8.577  5.866   11.422  1.00 9.48  ? 12  THR X CA  1 
ATOM   84  C  C   . THR A 1 12 ? -7.858  5.760   12.753  1.00 9.19  ? 12  THR X C   1 
ATOM   85  O  O   . THR A 1 12 ? -8.173  6.464   13.706  1.00 9.27  ? 12  THR X O   1 
ATOM   86  C  CB  . THR A 1 12 ? -10.103 5.936   11.662  1.00 9.16  ? 12  THR X CB  1 
ATOM   87  O  OG1 . THR A 1 12 ? -10.565 4.712   12.238  1.00 9.32  ? 12  THR X OG1 1 
ATOM   88  C  CG2 . THR A 1 12 ? -10.873 6.203   10.367  1.00 8.96  ? 12  THR X CG2 1 
ATOM   89  N  N   . CYS A 1 13 ? -6.878  4.890   12.813  1.00 9.08  ? 13  CYS X N   1 
ATOM   90  C  CA  . CYS A 1 13 ? -5.992  4.819   13.987  1.00 9.27  ? 13  CYS X CA  1 
ATOM   91  C  C   . CYS A 1 13 ? -4.636  4.246   13.652  1.00 9.15  ? 13  CYS X C   1 
ATOM   92  O  O   . CYS A 1 13 ? -4.396  3.765   12.553  1.00 9.15  ? 13  CYS X O   1 
ATOM   93  C  CB  . CYS A 1 13 ? -6.625  4.031   15.132  1.00 9.43  ? 13  CYS X CB  1 
ATOM   94  S  SG  . CYS A 1 13 ? -6.625  2.234   14.904  1.00 10.36 ? 13  CYS X SG  1 
ATOM   95  N  N   . ALA A 1 14 ? -3.764  4.301   14.635  1.00 9.42  ? 14  ALA X N   1 
ATOM   96  C  CA  . ALA A 1 14 ? -2.384  3.811   14.474  1.00 9.55  ? 14  ALA X CA  1 
ATOM   97  C  C   . ALA A 1 14 ? -2.367  2.340   14.095  1.00 9.88  ? 14  ALA X C   1 
ATOM   98  O  O   . ALA A 1 14 ? -1.586  1.913   13.256  1.00 10.39 ? 14  ALA X O   1 
ATOM   99  C  CB  . ALA A 1 14 ? -1.549  4.057   15.741  1.00 10.08 ? 14  ALA X CB  1 
ATOM   100 N  N   . ALA A 1 15 ? -3.258  1.582   14.709  1.00 9.74  ? 15  ALA X N   1 
ATOM   101 C  CA  . ALA A 1 15 ? -3.321  0.136   14.446  1.00 9.76  ? 15  ALA X CA  1 
ATOM   102 C  C   . ALA A 1 15 ? -3.694  -0.115  12.999  1.00 9.45  ? 15  ALA X C   1 
ATOM   103 O  O   . ALA A 1 15 ? -3.223  -1.072  12.370  1.00 9.71  ? 15  ALA X O   1 
ATOM   104 C  CB  . ALA A 1 15 ? -4.293  -0.557  15.382  1.00 9.94  ? 15  ALA X CB  1 
ATOM   105 N  N   . CYS A 1 16 ? -4.525  0.764   12.458  1.00 9.14  ? 16  CYS X N   1 
ATOM   106 C  CA  . CYS A 1 16 ? -4.948  0.642   11.052  1.00 8.88  ? 16  CYS X CA  1 
ATOM   107 C  C   . CYS A 1 16 ? -3.754  0.806   10.128  1.00 8.89  ? 16  CYS X C   1 
ATOM   108 O  O   . CYS A 1 16 ? -3.523  0.019   9.228   1.00 8.78  ? 16  CYS X O   1 
ATOM   109 C  CB  . CYS A 1 16 ? -5.975  1.700   10.642  1.00 8.63  ? 16  CYS X CB  1 
ATOM   110 S  SG  . CYS A 1 16 ? -7.686  1.418   11.094  1.00 10.08 ? 16  CYS X SG  1 
ATOM   111 N  N   . SER A 1 17 ? -3.023  1.883   10.341  1.00 8.70  ? 17  SER X N   1 
ATOM   112 C  CA  A SER A 1 17 ? -1.863  2.181   9.493   0.50 8.69  ? 17  SER X CA  1 
ATOM   113 C  CA  B SER A 1 17 ? -1.833  2.198   9.536   0.25 8.70  ? 17  SER X CA  1 
ATOM   114 C  CA  C SER A 1 17 ? -1.855  2.180   9.516   0.25 8.81  ? 17  SER X CA  1 
ATOM   115 C  C   . SER A 1 17 ? -0.825  1.060   9.621   1.00 8.59  ? 17  SER X C   1 
ATOM   116 O  O   . SER A 1 17 ? -0.239  0.632   8.625   1.00 7.81  ? 17  SER X O   1 
ATOM   117 C  CB  A SER A 1 17 ? -1.260  3.578   9.775   0.50 8.93  ? 17  SER X CB  1 
ATOM   118 C  CB  B SER A 1 17 ? -1.179  3.521   9.990   0.25 8.87  ? 17  SER X CB  1 
ATOM   119 C  CB  C SER A 1 17 ? -1.236  3.525   9.913   0.25 9.00  ? 17  SER X CB  1 
ATOM   120 O  OG  A SER A 1 17 ? -1.102  3.834   11.157  0.50 8.48  ? 17  SER X OG  1 
ATOM   121 O  OG  B SER A 1 17 ? 0.071   3.725   9.354   0.25 8.88  ? 17  SER X OG  1 
ATOM   122 O  OG  C SER A 1 17 ? -2.200  4.558   9.810   0.25 9.73  ? 17  SER X OG  1 
ATOM   123 N  N   . ASN A 1 18 ? -0.647  0.574   10.830  1.00 8.67  ? 18  ASN X N   1 
ATOM   124 C  CA  . ASN A 1 18 ? 0.324   -0.486  11.087  1.00 8.93  ? 18  ASN X CA  1 
ATOM   125 C  C   . ASN A 1 18 ? -0.065  -1.768  10.356  1.00 8.70  ? 18  ASN X C   1 
ATOM   126 O  O   . ASN A 1 18 ? 0.782   -2.506  9.852   1.00 8.53  ? 18  ASN X O   1 
ATOM   127 C  CB  . ASN A 1 18 ? 0.504   -0.741  12.577  1.00 9.38  ? 18  ASN X CB  1 
ATOM   128 C  CG  . ASN A 1 18 ? 1.320   0.325   13.247  1.00 10.76 ? 18  ASN X CG  1 
ATOM   129 O  OD1 . ASN A 1 18 ? 1.965   1.129   12.586  1.00 14.19 ? 18  ASN X OD1 1 
ATOM   130 N  ND2 . ASN A 1 18 ? 1.293   0.351   14.575  1.00 13.34 ? 18  ASN X ND2 1 
ATOM   131 N  N   . SER A 1 19 ? -1.371  -1.986  10.273  1.00 8.89  ? 19  SER X N   1 
ATOM   132 C  CA  A SER A 1 19 ? -1.937  -3.190  9.637   0.33 8.70  ? 19  SER X CA  1 
ATOM   133 C  CA  B SER A 1 19 ? -1.930  -3.190  9.631   0.33 8.94  ? 19  SER X CA  1 
ATOM   134 C  CA  C SER A 1 19 ? -1.905  -3.197  9.641   0.33 9.09  ? 19  SER X CA  1 
ATOM   135 C  C   . SER A 1 19 ? -1.715  -3.154  8.135   1.00 8.92  ? 19  SER X C   1 
ATOM   136 O  O   . SER A 1 19 ? -1.479  -4.186  7.491   1.00 9.32  ? 19  SER X O   1 
ATOM   137 C  CB  A SER A 1 19 ? -3.437  -3.367  9.956   0.33 8.67  ? 19  SER X CB  1 
ATOM   138 C  CB  B SER A 1 19 ? -3.430  -3.357  9.908   0.33 8.95  ? 19  SER X CB  1 
ATOM   139 C  CB  C SER A 1 19 ? -3.374  -3.406  10.005  0.33 9.14  ? 19  SER X CB  1 
ATOM   140 O  OG  A SER A 1 19 ? -4.278  -2.574  9.129   0.33 6.90  ? 19  SER X OG  1 
ATOM   141 O  OG  B SER A 1 19 ? -3.994  -4.320  9.031   0.33 8.65  ? 19  SER X OG  1 
ATOM   142 O  OG  C SER A 1 19 ? -3.475  -3.705  11.387  0.33 9.71  ? 19  SER X OG  1 
ATOM   143 N  N   . VAL A 1 20 ? -1.796  -1.963  7.592   1.00 8.84  ? 20  VAL X N   1 
ATOM   144 C  CA  . VAL A 1 20 ? -1.602  -1.775  6.153   1.00 8.81  ? 20  VAL X CA  1 
ATOM   145 C  C   . VAL A 1 20 ? -0.135  -1.997  5.830   1.00 8.99  ? 20  VAL X C   1 
ATOM   146 O  O   . VAL A 1 20 ? 0.212   -2.646  4.857   1.00 8.90  ? 20  VAL X O   1 
ATOM   147 C  CB  . VAL A 1 20 ? -2.079  -0.404  5.665   1.00 8.67  ? 20  VAL X CB  1 
ATOM   148 C  CG1 . VAL A 1 20 ? -1.609  -0.142  4.232   1.00 8.17  ? 20  VAL X CG1 1 
ATOM   149 C  CG2 . VAL A 1 20 ? -3.604  -0.338  5.746   1.00 8.87  ? 20  VAL X CG2 1 
ATOM   150 N  N   . GLU A 1 21 ? 0.730   -1.481  6.686   1.00 10.01 ? 21  GLU X N   1 
ATOM   151 C  CA  A GLU A 1 21 ? 2.176   -1.632  6.490   0.50 10.22 ? 21  GLU X CA  1 
ATOM   152 C  CA  B GLU A 1 21 ? 2.179   -1.633  6.487   0.50 10.24 ? 21  GLU X CA  1 
ATOM   153 C  C   . GLU A 1 21 ? 2.569   -3.104  6.572   1.00 10.31 ? 21  GLU X C   1 
ATOM   154 O  O   . GLU A 1 21 ? 3.339   -3.625  5.747   1.00 10.21 ? 21  GLU X O   1 
ATOM   155 C  CB  A GLU A 1 21 ? 2.956   -0.810  7.518   0.50 10.71 ? 21  GLU X CB  1 
ATOM   156 C  CB  B GLU A 1 21 ? 2.983   -0.792  7.488   0.50 10.70 ? 21  GLU X CB  1 
ATOM   157 C  CG  A GLU A 1 21 ? 4.451   -0.740  7.261   0.50 11.63 ? 21  GLU X CG  1 
ATOM   158 C  CG  B GLU A 1 21 ? 3.206   0.646   7.043   0.50 11.84 ? 21  GLU X CG  1 
ATOM   159 C  CD  A GLU A 1 21 ? 5.138   0.245   8.179   0.50 14.18 ? 21  GLU X CD  1 
ATOM   160 C  CD  B GLU A 1 21 ? 4.277   1.355   7.857   0.50 13.10 ? 21  GLU X CD  1 
ATOM   161 O  OE1 A GLU A 1 21 ? 4.430   0.950   8.933   0.50 16.18 ? 21  GLU X OE1 1 
ATOM   162 O  OE1 B GLU A 1 21 ? 5.057   0.660   8.549   0.50 15.91 ? 21  GLU X OE1 1 
ATOM   163 O  OE2 A GLU A 1 21 ? 6.384   0.326   8.136   0.50 14.98 ? 21  GLU X OE2 1 
ATOM   164 O  OE2 B GLU A 1 21 ? 4.341   2.602   7.801   0.50 12.59 ? 21  GLU X OE2 1 
ATOM   165 N  N   . ALA A 1 22 ? 2.012   -3.769  7.563   1.00 10.19 ? 22  ALA X N   1 
ATOM   166 C  CA  . ALA A 1 22 ? 2.308   -5.187  7.819   1.00 10.09 ? 22  ALA X CA  1 
ATOM   167 C  C   . ALA A 1 22 ? 1.872   -6.031  6.627   1.00 9.82  ? 22  ALA X C   1 
ATOM   168 O  O   . ALA A 1 22 ? 2.599   -6.904  6.139   1.00 10.62 ? 22  ALA X O   1 
ATOM   169 C  CB  . ALA A 1 22 ? 1.615   -5.671  9.102   1.00 9.84  ? 22  ALA X CB  1 
ATOM   170 N  N   . ALA A 1 23 ? 0.690   -5.718  6.143   1.00 9.63  ? 23  ALA X N   1 
ATOM   171 C  CA  . ALA A 1 23 ? 0.106   -6.442  5.012   1.00 9.32  ? 23  ALA X CA  1 
ATOM   172 C  C   . ALA A 1 23 ? 0.975   -6.284  3.782   1.00 9.72  ? 23  ALA X C   1 
ATOM   173 O  O   . ALA A 1 23 ? 1.250   -7.225  3.035   1.00 9.66  ? 23  ALA X O   1 
ATOM   174 C  CB  . ALA A 1 23 ? -1.335  -5.951  4.718   1.00 9.27  ? 23  ALA X CB  1 
ATOM   175 N  N   . LEU A 1 24 ? 1.411   -5.061  3.576   1.00 9.78  ? 24  LEU X N   1 
ATOM   176 C  CA  . LEU A 1 24 ? 2.199   -4.739  2.388   1.00 10.03 ? 24  LEU X CA  1 
ATOM   177 C  C   . LEU A 1 24 ? 3.549   -5.448  2.450   1.00 10.19 ? 24  LEU X C   1 
ATOM   178 O  O   . LEU A 1 24 ? 4.067   -5.936  1.442   1.00 10.77 ? 24  LEU X O   1 
ATOM   179 C  CB  . LEU A 1 24 ? 2.369   -3.222  2.217   1.00 10.02 ? 24  LEU X CB  1 
ATOM   180 C  CG  . LEU A 1 24 ? 1.111   -2.553  1.654   1.00 10.06 ? 24  LEU X CG  1 
ATOM   181 C  CD1 . LEU A 1 24 ? 1.185   -1.031  1.793   1.00 10.54 ? 24  LEU X CD1 1 
ATOM   182 C  CD2 . LEU A 1 24 ? 0.876   -2.951  0.197   1.00 9.84  ? 24  LEU X CD2 1 
ATOM   183 N  N   . MET A 1 25 ? 4.108   -5.529  3.649   1.00 10.17 ? 25  MET X N   1 
ATOM   184 C  CA  . MET A 1 25 ? 5.476   -6.091  3.820   1.00 10.61 ? 25  MET X CA  1 
ATOM   185 C  C   . MET A 1 25 ? 5.457   -7.609  3.650   1.00 11.01 ? 25  MET X C   1 
ATOM   186 O  O   . MET A 1 25 ? 6.495   -8.265  3.490   1.00 12.05 ? 25  MET X O   1 
ATOM   187 C  CB  . MET A 1 25 ? 6.098   -5.681  5.150   1.00 10.75 ? 25  MET X CB  1 
ATOM   188 C  CG  . MET A 1 25 ? 6.553   -4.225  5.160   1.00 11.46 ? 25  MET X CG  1 
ATOM   189 S  SD  . MET A 1 25 ? 7.617   -3.757  3.781   1.00 14.17 ? 25  MET X SD  1 
ATOM   190 C  CE  . MET A 1 25 ? 9.017   -4.856  3.991   1.00 16.19 ? 25  MET X CE  1 
ATOM   191 N  N   . ASN A 1 26 ? 4.253   -8.145  3.671   1.00 11.03 ? 26  ASN X N   1 
ATOM   192 C  CA  . ASN A 1 26 ? 4.036   -9.575  3.452   1.00 11.40 ? 26  ASN X CA  1 
ATOM   193 C  C   . ASN A 1 26 ? 3.780   -9.905  1.993   1.00 11.60 ? 26  ASN X C   1 
ATOM   194 O  O   . ASN A 1 26 ? 3.632   -11.059 1.626   1.00 14.22 ? 26  ASN X O   1 
ATOM   195 C  CB  . ASN A 1 26 ? 2.903   -10.114 4.315   1.00 11.70 ? 26  ASN X CB  1 
ATOM   196 C  CG  . ASN A 1 26 ? 3.367   -10.485 5.710   1.00 11.11 ? 26  ASN X CG  1 
ATOM   197 O  OD1 . ASN A 1 26 ? 4.559   -10.474 6.001   1.00 12.13 ? 26  ASN X OD1 1 
ATOM   198 N  ND2 . ASN A 1 26 ? 2.424   -10.814 6.578   1.00 11.09 ? 26  ASN X ND2 1 
ATOM   199 N  N   . VAL A 1 27 ? 3.741   -8.882  1.164   1.00 10.97 ? 27  VAL X N   1 
ATOM   200 C  CA  . VAL A 1 27 ? 3.569   -9.090  -0.283  1.00 10.14 ? 27  VAL X CA  1 
ATOM   201 C  C   . VAL A 1 27 ? 4.936   -9.353  -0.916  1.00 9.95  ? 27  VAL X C   1 
ATOM   202 O  O   . VAL A 1 27 ? 5.820   -8.518  -0.871  1.00 9.88  ? 27  VAL X O   1 
ATOM   203 C  CB  . VAL A 1 27 ? 2.884   -7.877  -0.968  1.00 9.74  ? 27  VAL X CB  1 
ATOM   204 C  CG1 . VAL A 1 27 ? 2.791   -8.058  -2.485  1.00 9.46  ? 27  VAL X CG1 1 
ATOM   205 C  CG2 . VAL A 1 27 ? 1.498   -7.645  -0.397  1.00 9.32  ? 27  VAL X CG2 1 
ATOM   206 N  N   . ASN A 1 28 ? 5.105   -10.538 -1.488  1.00 10.13 ? 28  ASN X N   1 
ATOM   207 C  CA  . ASN A 1 28 ? 6.394   -10.878 -2.132  1.00 10.41 ? 28  ASN X CA  1 
ATOM   208 C  C   . ASN A 1 28 ? 6.706   -9.866  -3.214  1.00 10.53 ? 28  ASN X C   1 
ATOM   209 O  O   . ASN A 1 28 ? 5.903   -9.628  -4.097  1.00 11.35 ? 28  ASN X O   1 
ATOM   210 C  CB  . ASN A 1 28 ? 6.377   -12.285 -2.750  1.00 10.49 ? 28  ASN X CB  1 
ATOM   211 C  CG  . ASN A 1 28 ? 7.756   -12.745 -3.190  1.00 10.90 ? 28  ASN X CG  1 
ATOM   212 O  OD1 . ASN A 1 28 ? 7.968   -13.110 -4.355  1.00 14.80 ? 28  ASN X OD1 1 
ATOM   213 N  ND2 . ASN A 1 28 ? 8.704   -12.729 -2.263  1.00 9.80  ? 28  ASN X ND2 1 
ATOM   214 N  N   . GLY A 1 29 ? 7.881   -9.272  -3.109  1.00 10.80 ? 29  GLY X N   1 
ATOM   215 C  CA  . GLY A 1 29 ? 8.359   -8.263  -4.060  1.00 10.58 ? 29  GLY X CA  1 
ATOM   216 C  C   . GLY A 1 29 ? 8.316   -6.837  -3.539  1.00 10.78 ? 29  GLY X C   1 
ATOM   217 O  O   . GLY A 1 29 ? 8.918   -5.929  -4.108  1.00 10.77 ? 29  GLY X O   1 
ATOM   218 N  N   . VAL A 1 30 ? 7.582   -6.638  -2.459  1.00 10.41 ? 30  VAL X N   1 
ATOM   219 C  CA  . VAL A 1 30 ? 7.568   -5.322  -1.801  1.00 10.45 ? 30  VAL X CA  1 
ATOM   220 C  C   . VAL A 1 30 ? 8.805   -5.168  -0.936  1.00 10.97 ? 30  VAL X C   1 
ATOM   221 O  O   . VAL A 1 30 ? 9.079   -5.996  -0.059  1.00 11.43 ? 30  VAL X O   1 
ATOM   222 C  CB  . VAL A 1 30 ? 6.282   -5.098  -0.971  1.00 10.25 ? 30  VAL X CB  1 
ATOM   223 C  CG1 . VAL A 1 30 ? 6.408   -3.854  -0.088  1.00 9.68  ? 30  VAL X CG1 1 
ATOM   224 C  CG2 . VAL A 1 30 ? 5.097   -5.003  -1.911  1.00 9.64  ? 30  VAL X CG2 1 
ATOM   225 N  N   . PHE A 1 31 ? 9.548   -4.095  -1.202  1.00 11.00 ? 31  PHE X N   1 
ATOM   226 C  CA  . PHE A 1 31 ? 10.807  -3.810  -0.493  1.00 11.33 ? 31  PHE X CA  1 
ATOM   227 C  C   . PHE A 1 31 ? 10.597  -2.896  0.696   1.00 10.80 ? 31  PHE X C   1 
ATOM   228 O  O   . PHE A 1 31 ? 11.187  -3.089  1.757   1.00 10.95 ? 31  PHE X O   1 
ATOM   229 C  CB  . PHE A 1 31 ? 11.860  -3.213  -1.440  1.00 11.55 ? 31  PHE X CB  1 
ATOM   230 C  CG  . PHE A 1 31 ? 13.094  -2.713  -0.736  1.00 12.66 ? 31  PHE X CG  1 
ATOM   231 C  CD1 . PHE A 1 31 ? 14.060  -3.608  -0.293  1.00 13.65 ? 31  PHE X CD1 1 
ATOM   232 C  CD2 . PHE A 1 31 ? 13.291  -1.358  -0.503  1.00 12.87 ? 31  PHE X CD2 1 
ATOM   233 C  CE1 . PHE A 1 31 ? 15.200  -3.164  0.370   1.00 13.91 ? 31  PHE X CE1 1 
ATOM   234 C  CE2 . PHE A 1 31 ? 14.433  -0.907  0.157   1.00 13.48 ? 31  PHE X CE2 1 
ATOM   235 C  CZ  . PHE A 1 31 ? 15.388  -1.813  0.593   1.00 14.60 ? 31  PHE X CZ  1 
ATOM   236 N  N   . LYS A 1 32 ? 9.738   -1.904  0.510   1.00 10.91 ? 32  LYS X N   1 
ATOM   237 C  CA  . LYS A 1 32 ? 9.439   -0.927  1.568   1.00 10.75 ? 32  LYS X CA  1 
ATOM   238 C  C   . LYS A 1 32 ? 8.020   -0.403  1.440   1.00 10.21 ? 32  LYS X C   1 
ATOM   239 O  O   . LYS A 1 32 ? 7.517   -0.169  0.352   1.00 9.88  ? 32  LYS X O   1 
ATOM   240 C  CB  . LYS A 1 32 ? 10.422  0.253   1.515   1.00 10.92 ? 32  LYS X CB  1 
ATOM   241 C  CG  . LYS A 1 32 ? 10.524  1.064   2.809   1.00 12.97 ? 32  LYS X CG  1 
ATOM   242 C  CD  . LYS A 1 32 ? 11.628  2.118   2.691   1.00 14.24 ? 32  LYS X CD  1 
ATOM   243 C  CE  . LYS A 1 32 ? 11.927  2.816   4.015   1.00 16.27 ? 32  LYS X CE  1 
ATOM   244 N  NZ  . LYS A 1 32 ? 13.018  3.816   3.878   1.00 15.51 ? 32  LYS X NZ  1 
ATOM   245 N  N   . ALA A 1 33 ? 7.391   -0.239  2.587   1.00 10.29 ? 33  ALA X N   1 
ATOM   246 C  CA  . ALA A 1 33 ? 6.044   0.345   2.673   1.00 10.47 ? 33  ALA X CA  1 
ATOM   247 C  C   . ALA A 1 33 ? 5.972   1.368   3.794   1.00 10.89 ? 33  ALA X C   1 
ATOM   248 O  O   . ALA A 1 33 ? 6.274   1.088   4.950   1.00 11.70 ? 33  ALA X O   1 
ATOM   249 C  CB  . ALA A 1 33 ? 4.990   -0.764  2.866   1.00 10.51 ? 33  ALA X CB  1 
ATOM   250 N  N   . SER A 1 34 ? 5.595   2.568   3.405   1.00 10.80 ? 34  SER X N   1 
ATOM   251 C  CA  A SER A 1 34 ? 5.471   3.680   4.337   0.50 10.79 ? 34  SER X CA  1 
ATOM   252 C  CA  B SER A 1 34 ? 5.469   3.695   4.330   0.50 11.11 ? 34  SER X CA  1 
ATOM   253 C  C   . SER A 1 34 ? 4.072   4.271   4.267   1.00 10.50 ? 34  SER X C   1 
ATOM   254 O  O   . SER A 1 34 ? 3.658   4.825   3.252   1.00 11.01 ? 34  SER X O   1 
ATOM   255 C  CB  A SER A 1 34 ? 6.520   4.740   4.015   0.50 10.70 ? 34  SER X CB  1 
ATOM   256 C  CB  B SER A 1 34 ? 6.479   4.781   3.972   0.50 11.07 ? 34  SER X CB  1 
ATOM   257 O  OG  A SER A 1 34 ? 7.821   4.170   3.995   0.50 10.78 ? 34  SER X OG  1 
ATOM   258 O  OG  B SER A 1 34 ? 6.299   5.933   4.781   0.50 13.13 ? 34  SER X OG  1 
ATOM   259 N  N   . VAL A 1 35 ? 3.368   4.122   5.368   1.00 10.18 ? 35  VAL X N   1 
ATOM   260 C  CA  . VAL A 1 35 ? 1.969   4.522   5.471   1.00 9.94  ? 35  VAL X CA  1 
ATOM   261 C  C   . VAL A 1 35 ? 1.842   5.789   6.273   1.00 10.00 ? 35  VAL X C   1 
ATOM   262 O  O   . VAL A 1 35 ? 2.423   5.928   7.345   1.00 10.60 ? 35  VAL X O   1 
ATOM   263 C  CB  . VAL A 1 35 ? 1.125   3.419   6.134   1.00 10.04 ? 35  VAL X CB  1 
ATOM   264 C  CG1 . VAL A 1 35 ? -0.343  3.821   6.169   1.00 10.11 ? 35  VAL X CG1 1 
ATOM   265 C  CG2 . VAL A 1 35 ? 1.311   2.079   5.419   1.00 10.37 ? 35  VAL X CG2 1 
ATOM   266 N  N   . ALA A 1 36 ? 1.089   6.713   5.701   1.00 9.45  ? 36  ALA X N   1 
ATOM   267 C  CA  . ALA A 1 36 ? 0.781   7.998   6.317   1.00 9.87  ? 36  ALA X CA  1 
ATOM   268 C  C   . ALA A 1 36 ? -0.697  8.078   6.654   1.00 9.91  ? 36  ALA X C   1 
ATOM   269 O  O   . ALA A 1 36 ? -1.539  8.429   5.834   1.00 10.58 ? 36  ALA X O   1 
ATOM   270 C  CB  . ALA A 1 36 ? 1.190   9.157   5.397   1.00 9.66  ? 36  ALA X CB  1 
ATOM   271 N  N   . LEU A 1 37 ? -0.983  7.729   7.894   1.00 9.79  ? 37  LEU X N   1 
ATOM   272 C  CA  . LEU A 1 37 ? -2.344  7.671   8.402   1.00 9.89  ? 37  LEU X CA  1 
ATOM   273 C  C   . LEU A 1 37 ? -3.111  8.928   8.039   1.00 10.12 ? 37  LEU X C   1 
ATOM   274 O  O   . LEU A 1 37 ? -4.220  8.862   7.535   1.00 12.52 ? 37  LEU X O   1 
ATOM   275 C  CB  . LEU A 1 37 ? -2.354  7.479   9.926   1.00 9.99  ? 37  LEU X CB  1 
ATOM   276 C  CG  . LEU A 1 37 ? -3.704  7.596   10.611  1.00 9.03  ? 37  LEU X CG  1 
ATOM   277 C  CD1 . LEU A 1 37 ? -4.655  6.502   10.121  1.00 10.13 ? 37  LEU X CD1 1 
ATOM   278 C  CD2 . LEU A 1 37 ? -3.498  7.535   12.126  1.00 9.76  ? 37  LEU X CD2 1 
ATOM   279 N  N   . LEU A 1 38 ? -2.493  10.072  8.282   1.00 9.99  ? 38  LEU X N   1 
ATOM   280 C  CA  . LEU A 1 38 ? -3.206  11.360  8.156   1.00 9.61  ? 38  LEU X CA  1 
ATOM   281 C  C   . LEU A 1 38 ? -3.557  11.697  6.714   1.00 9.36  ? 38  LEU X C   1 
ATOM   282 O  O   . LEU A 1 38 ? -4.527  12.413  6.450   1.00 9.30  ? 38  LEU X O   1 
ATOM   283 C  CB  . LEU A 1 38 ? -2.420  12.519  8.784   1.00 9.40  ? 38  LEU X CB  1 
ATOM   284 C  CG  . LEU A 1 38 ? -2.674  12.758  10.276  1.00 9.72  ? 38  LEU X CG  1 
ATOM   285 C  CD1 . LEU A 1 38 ? -2.517  11.494  11.100  1.00 10.35 ? 38  LEU X CD1 1 
ATOM   286 C  CD2 . LEU A 1 38 ? -1.742  13.864  10.769  1.00 9.66  ? 38  LEU X CD2 1 
ATOM   287 N  N   . GLN A 1 39 ? -2.785  11.145  5.790   1.00 9.23  ? 39  GLN X N   1 
ATOM   288 C  CA  . GLN A 1 39 ? -2.849  11.586  4.379   1.00 9.33  ? 39  GLN X CA  1 
ATOM   289 C  C   . GLN A 1 39 ? -3.514  10.597  3.436   1.00 9.04  ? 39  GLN X C   1 
ATOM   290 O  O   . GLN A 1 39 ? -3.592  10.820  2.231   1.00 8.90  ? 39  GLN X O   1 
ATOM   291 C  CB  . GLN A 1 39 ? -1.460  11.952  3.869   1.00 9.64  ? 39  GLN X CB  1 
ATOM   292 C  CG  . GLN A 1 39 ? -0.924  13.241  4.476   1.00 11.14 ? 39  GLN X CG  1 
ATOM   293 C  CD  . GLN A 1 39 ? -1.935  14.389  4.439   1.00 12.39 ? 39  GLN X CD  1 
ATOM   294 O  OE1 . GLN A 1 39 ? -2.749  14.493  3.524   1.00 13.04 ? 39  GLN X OE1 1 
ATOM   295 N  NE2 . GLN A 1 39 ? -1.868  15.269  5.438   1.00 15.74 ? 39  GLN X NE2 1 
ATOM   296 N  N   . ASN A 1 40 ? -4.021  9.515   4.016   1.00 9.00  ? 40  ASN X N   1 
ATOM   297 C  CA  . ASN A 1 40 ? -4.664  8.420   3.249   1.00 8.98  ? 40  ASN X CA  1 
ATOM   298 C  C   . ASN A 1 40 ? -3.721  7.800   2.240   1.00 8.49  ? 40  ASN X C   1 
ATOM   299 O  O   . ASN A 1 40 ? -4.103  7.479   1.118   1.00 8.55  ? 40  ASN X O   1 
ATOM   300 C  CB  . ASN A 1 40 ? -5.919  8.875   2.491   1.00 9.61  ? 40  ASN X CB  1 
ATOM   301 C  CG  . ASN A 1 40 ? -6.992  9.426   3.403   1.00 11.15 ? 40  ASN X CG  1 
ATOM   302 O  OD1 . ASN A 1 40 ? -6.850  9.419   4.623   1.00 14.12 ? 40  ASN X OD1 1 
ATOM   303 N  ND2 . ASN A 1 40 ? -8.075  9.910   2.813   1.00 15.43 ? 40  ASN X ND2 1 
ATOM   304 N  N   . ARG A 1 41 ? -2.479  7.663   2.657   1.00 8.43  ? 41  ARG X N   1 
ATOM   305 C  CA  . ARG A 1 41 ? -1.385  7.256   1.762   1.00 8.23  ? 41  ARG X CA  1 
ATOM   306 C  C   . ARG A 1 41 ? -0.583  6.072   2.232   1.00 7.87  ? 41  ARG X C   1 
ATOM   307 O  O   . ARG A 1 41 ? -0.283  5.914   3.399   1.00 8.27  ? 41  ARG X O   1 
ATOM   308 C  CB  . ARG A 1 41 ? -0.430  8.437   1.550   1.00 8.85  ? 41  ARG X CB  1 
ATOM   309 C  CG  . ARG A 1 41 ? -0.879  9.424   0.479   1.00 9.48  ? 41  ARG X CG  1 
ATOM   310 C  CD  . ARG A 1 41 ? -0.397  9.018   -0.915  1.00 9.86  ? 41  ARG X CD  1 
ATOM   311 N  NE  . ARG A 1 41 ? 1.048   9.117   -1.020  1.00 10.30 ? 41  ARG X NE  1 
ATOM   312 C  CZ  . ARG A 1 41 ? 1.701   10.237  -1.327  1.00 11.10 ? 41  ARG X CZ  1 
ATOM   313 N  NH1 . ARG A 1 41 ? 1.042   11.370  -1.587  1.00 11.23 ? 41  ARG X NH1 1 
ATOM   314 N  NH2 . ARG A 1 41 ? 3.015   10.233  -1.372  1.00 11.26 ? 41  ARG X NH2 1 
ATOM   315 N  N   . ALA A 1 42 ? -0.248  5.244   1.261   1.00 7.68  ? 42  ALA X N   1 
ATOM   316 C  CA  . ALA A 1 42 ? 0.752   4.196   1.414   1.00 7.55  ? 42  ALA X CA  1 
ATOM   317 C  C   . ALA A 1 42 ? 1.701   4.237   0.232   1.00 7.74  ? 42  ALA X C   1 
ATOM   318 O  O   . ALA A 1 42 ? 1.310   4.033   -0.917  1.00 8.17  ? 42  ALA X O   1 
ATOM   319 C  CB  . ALA A 1 42 ? 0.075   2.803   1.530   1.00 7.27  ? 42  ALA X CB  1 
ATOM   320 N  N   . ASP A 1 43 ? 2.944   4.524   0.550   1.00 8.49  ? 43  ASP X N   1 
ATOM   321 C  CA  . ASP A 1 43 ? 4.011   4.634   -0.439  1.00 8.58  ? 43  ASP X CA  1 
ATOM   322 C  C   . ASP A 1 43 ? 4.808   3.342   -0.468  1.00 8.36  ? 43  ASP X C   1 
ATOM   323 O  O   . ASP A 1 43 ? 5.360   2.893   0.530   1.00 9.39  ? 43  ASP X O   1 
ATOM   324 C  CB  . ASP A 1 43 ? 4.888   5.838   -0.130  1.00 8.84  ? 43  ASP X CB  1 
ATOM   325 C  CG  . ASP A 1 43 ? 4.155   7.134   -0.328  1.00 9.14  ? 43  ASP X CG  1 
ATOM   326 O  OD1 . ASP A 1 43 ? 3.038   7.089   -0.867  1.00 10.02 ? 43  ASP X OD1 1 
ATOM   327 O  OD2 . ASP A 1 43 ? 4.695   8.188   0.065   1.00 11.58 ? 43  ASP X OD2 1 
ATOM   328 N  N   . VAL A 1 44 ? 4.834   2.734   -1.641  1.00 8.13  ? 44  VAL X N   1 
ATOM   329 C  CA  . VAL A 1 44 ? 5.365   1.376   -1.799  1.00 7.91  ? 44  VAL X CA  1 
ATOM   330 C  C   . VAL A 1 44 ? 6.447   1.262   -2.860  1.00 7.82  ? 44  VAL X C   1 
ATOM   331 O  O   . VAL A 1 44 ? 6.270   1.609   -4.027  1.00 7.79  ? 44  VAL X O   1 
ATOM   332 C  CB  . VAL A 1 44 ? 4.214   0.374   -2.113  1.00 7.61  ? 44  VAL X CB  1 
ATOM   333 C  CG1 . VAL A 1 44 ? 4.725   -1.056  -2.136  1.00 7.91  ? 44  VAL X CG1 1 
ATOM   334 C  CG2 . VAL A 1 44 ? 3.065   0.523   -1.098  1.00 8.09  ? 44  VAL X CG2 1 
ATOM   335 N  N   . VAL A 1 45 ? 7.573   0.755   -2.397  1.00 7.57  ? 45  VAL X N   1 
ATOM   336 C  CA  . VAL A 1 45 ? 8.732   0.439   -3.238  1.00 8.02  ? 45  VAL X CA  1 
ATOM   337 C  C   . VAL A 1 45 ? 8.720   -1.057  -3.500  1.00 8.03  ? 45  VAL X C   1 
ATOM   338 O  O   . VAL A 1 45 ? 8.676   -1.852  -2.571  1.00 7.94  ? 45  VAL X O   1 
ATOM   339 C  CB  . VAL A 1 45 ? 10.049  0.857   -2.573  1.00 8.03  ? 45  VAL X CB  1 
ATOM   340 C  CG1 . VAL A 1 45 ? 11.221  0.470   -3.451  1.00 8.47  ? 45  VAL X CG1 1 
ATOM   341 C  CG2 . VAL A 1 45 ? 10.064  2.376   -2.294  1.00 8.05  ? 45  VAL X CG2 1 
ATOM   342 N  N   . PHE A 1 46 ? 8.686   -1.422  -4.774  1.00 8.26  ? 46  PHE X N   1 
ATOM   343 C  CA  . PHE A 1 46 ? 8.472   -2.820  -5.159  1.00 8.51  ? 46  PHE X CA  1 
ATOM   344 C  C   . PHE A 1 46 ? 9.235   -3.204  -6.418  1.00 8.60  ? 46  PHE X C   1 
ATOM   345 O  O   . PHE A 1 46 ? 9.591   -2.366  -7.236  1.00 8.08  ? 46  PHE X O   1 
ATOM   346 C  CB  . PHE A 1 46 ? 6.968   -3.106  -5.366  1.00 8.26  ? 46  PHE X CB  1 
ATOM   347 C  CG  . PHE A 1 46 ? 6.365   -2.413  -6.584  1.00 9.67  ? 46  PHE X CG  1 
ATOM   348 C  CD1 . PHE A 1 46 ? 5.943   -1.106  -6.509  1.00 9.69  ? 46  PHE X CD1 1 
ATOM   349 C  CD2 . PHE A 1 46 ? 6.223   -3.069  -7.789  1.00 9.95  ? 46  PHE X CD2 1 
ATOM   350 C  CE1 . PHE A 1 46 ? 5.410   -0.470  -7.618  1.00 10.67 ? 46  PHE X CE1 1 
ATOM   351 C  CE2 . PHE A 1 46 ? 5.676   -2.441  -8.890  1.00 10.21 ? 46  PHE X CE2 1 
ATOM   352 C  CZ  . PHE A 1 46 ? 5.272   -1.143  -8.801  1.00 11.45 ? 46  PHE X CZ  1 
ATOM   353 N  N   . ASP A 1 47 ? 9.448   -4.503  -6.526  1.00 8.85  ? 47  ASP X N   1 
ATOM   354 C  CA  . ASP A 1 47 ? 10.119  -5.125  -7.681  1.00 9.64  ? 47  ASP X CA  1 
ATOM   355 C  C   . ASP A 1 47 ? 9.053   -5.598  -8.674  1.00 9.70  ? 47  ASP X C   1 
ATOM   356 O  O   . ASP A 1 47 ? 8.351   -6.568  -8.394  1.00 9.64  ? 47  ASP X O   1 
ATOM   357 C  CB  . ASP A 1 47 ? 10.965  -6.319  -7.211  1.00 9.64  ? 47  ASP X CB  1 
ATOM   358 C  CG  . ASP A 1 47 ? 11.542  -7.130  -8.357  1.00 10.82 ? 47  ASP X CG  1 
ATOM   359 O  OD1 . ASP A 1 47 ? 11.330  -6.771  -9.528  1.00 12.12 ? 47  ASP X OD1 1 
ATOM   360 O  OD2 . ASP A 1 47 ? 12.206  -8.145  -8.070  1.00 13.63 ? 47  ASP X OD2 1 
ATOM   361 N  N   . PRO A 1 48 ? 8.894   -4.901  -9.811  1.00 9.88  ? 48  PRO X N   1 
ATOM   362 C  CA  . PRO A 1 48 ? 7.823   -5.206  -10.762 1.00 10.45 ? 48  PRO X CA  1 
ATOM   363 C  C   . PRO A 1 48 ? 7.916   -6.588  -11.385 1.00 10.70 ? 48  PRO X C   1 
ATOM   364 O  O   . PRO A 1 48 ? 6.957   -7.066  -11.982 1.00 11.00 ? 48  PRO X O   1 
ATOM   365 C  CB  . PRO A 1 48 ? 7.956   -4.121  -11.839 1.00 10.63 ? 48  PRO X CB  1 
ATOM   366 C  CG  . PRO A 1 48 ? 9.198   -3.426  -11.574 1.00 10.73 ? 48  PRO X CG  1 
ATOM   367 C  CD  . PRO A 1 48 ? 9.661   -3.707  -10.197 1.00 10.28 ? 48  PRO X CD  1 
ATOM   368 N  N   . ASN A 1 49 ? 9.052   -7.240  -11.190 1.00 10.89 ? 49  ASN X N   1 
ATOM   369 C  CA  . ASN A 1 49 ? 9.209   -8.620  -11.686 1.00 11.27 ? 49  ASN X CA  1 
ATOM   370 C  C   . ASN A 1 49 ? 8.410   -9.574  -10.824 1.00 11.57 ? 49  ASN X C   1 
ATOM   371 O  O   . ASN A 1 49 ? 8.031   -10.655 -11.257 1.00 12.09 ? 49  ASN X O   1 
ATOM   372 C  CB  . ASN A 1 49 ? 10.670  -9.073  -11.729 1.00 11.38 ? 49  ASN X CB  1 
ATOM   373 C  CG  . ASN A 1 49 ? 11.411  -8.566  -12.953 1.00 12.13 ? 49  ASN X CG  1 
ATOM   374 O  OD1 . ASN A 1 49 ? 10.934  -7.692  -13.682 1.00 13.27 ? 49  ASN X OD1 1 
ATOM   375 N  ND2 . ASN A 1 49 ? 12.585  -9.124  -13.191 1.00 12.12 ? 49  ASN X ND2 1 
ATOM   376 N  N   . LEU A 1 50 ? 8.153   -9.145  -9.595  1.00 11.53 ? 50  LEU X N   1 
ATOM   377 C  CA  . LEU A 1 50 ? 7.566   -10.022 -8.562  1.00 11.52 ? 50  LEU X CA  1 
ATOM   378 C  C   . LEU A 1 50 ? 6.160   -9.618  -8.152  1.00 12.09 ? 50  LEU X C   1 
ATOM   379 O  O   . LEU A 1 50 ? 5.417   -10.390 -7.563  1.00 12.43 ? 50  LEU X O   1 
ATOM   380 C  CB  . LEU A 1 50 ? 8.452   -10.074 -7.319  1.00 11.31 ? 50  LEU X CB  1 
ATOM   381 C  CG  . LEU A 1 50 ? 9.778   -10.825 -7.501  1.00 10.51 ? 50  LEU X CG  1 
ATOM   382 C  CD1 . LEU A 1 50 ? 10.639  -10.741 -6.241  1.00 10.41 ? 50  LEU X CD1 1 
ATOM   383 C  CD2 . LEU A 1 50 ? 9.499   -12.274 -7.885  1.00 10.65 ? 50  LEU X CD2 1 
ATOM   384 N  N   . VAL A 1 51 ? 5.820   -8.387  -8.451  1.00 12.38 ? 51  VAL X N   1 
ATOM   385 C  CA  . VAL A 1 51 ? 4.509   -7.857  -8.058  1.00 12.80 ? 51  VAL X CA  1 
ATOM   386 C  C   . VAL A 1 51 ? 4.204   -6.595  -8.814  1.00 13.28 ? 51  VAL X C   1 
ATOM   387 O  O   . VAL A 1 51 ? 5.083   -5.847  -9.212  1.00 13.07 ? 51  VAL X O   1 
ATOM   388 C  CB  . VAL A 1 51 ? 4.427   -7.633  -6.512  1.00 12.76 ? 51  VAL X CB  1 
ATOM   389 C  CG1 . VAL A 1 51 ? 5.396   -6.560  -6.039  1.00 12.98 ? 51  VAL X CG1 1 
ATOM   390 C  CG2 . VAL A 1 51 ? 3.003   -7.296  -6.083  1.00 12.95 ? 51  VAL X CG2 1 
ATOM   391 N  N   A LYS A 1 52 ? 2.924   -6.380  -9.035  0.50 13.67 ? 52  LYS X N   1 
ATOM   392 N  N   B LYS A 1 52 ? 2.925   -6.366  -9.029  0.50 13.70 ? 52  LYS X N   1 
ATOM   393 C  CA  A LYS A 1 52 ? 2.477   -5.161  -9.709  0.50 14.28 ? 52  LYS X CA  1 
ATOM   394 C  CA  B LYS A 1 52 ? 2.511   -5.121  -9.664  0.50 14.33 ? 52  LYS X CA  1 
ATOM   395 C  C   A LYS A 1 52 ? 1.461   -4.396  -8.887  0.50 14.30 ? 52  LYS X C   1 
ATOM   396 C  C   B LYS A 1 52 ? 1.451   -4.394  -8.882  0.50 14.29 ? 52  LYS X C   1 
ATOM   397 O  O   A LYS A 1 52 ? 1.028   -4.823  -7.825  0.50 14.06 ? 52  LYS X O   1 
ATOM   398 O  O   B LYS A 1 52 ? 0.971   -4.847  -7.849  0.50 14.10 ? 52  LYS X O   1 
ATOM   399 C  CB  A LYS A 1 52 ? 1.943   -5.456  -11.113 0.50 14.53 ? 52  LYS X CB  1 
ATOM   400 C  CB  B LYS A 1 52 ? 2.075   -5.343  -11.108 0.50 14.60 ? 52  LYS X CB  1 
ATOM   401 C  CG  A LYS A 1 52 ? 3.032   -5.888  -12.127 0.50 15.60 ? 52  LYS X CG  1 
ATOM   402 C  CG  B LYS A 1 52 ? 3.269   -5.475  -12.050 0.50 15.74 ? 52  LYS X CG  1 
ATOM   403 C  CD  A LYS A 1 52 ? 4.245   -4.937  -12.148 0.50 16.00 ? 52  LYS X CD  1 
ATOM   404 C  CD  B LYS A 1 52 ? 2.866   -5.830  -13.468 0.50 16.43 ? 52  LYS X CD  1 
ATOM   405 C  CE  A LYS A 1 52 ? 4.938   -4.899  -13.519 0.50 17.01 ? 52  LYS X CE  1 
ATOM   406 C  CE  B LYS A 1 52 ? 4.079   -5.850  -14.386 0.50 17.02 ? 52  LYS X CE  1 
ATOM   407 N  NZ  A LYS A 1 52 ? 5.325   -6.239  -14.051 0.50 16.13 ? 52  LYS X NZ  1 
ATOM   408 N  NZ  B LYS A 1 52 ? 3.791   -6.499  -15.690 0.50 17.86 ? 52  LYS X NZ  1 
ATOM   409 N  N   . GLU A 1 53 ? 1.117   -3.238  -9.417  1.00 14.44 ? 53  GLU X N   1 
ATOM   410 C  CA  A GLU A 1 53 ? 0.298   -2.257  -8.701  0.75 14.79 ? 53  GLU X CA  1 
ATOM   411 C  CA  B GLU A 1 53 ? 0.299   -2.251  -8.696  0.25 14.39 ? 53  GLU X CA  1 
ATOM   412 C  C   . GLU A 1 53 ? -1.021  -2.843  -8.232  1.00 14.52 ? 53  GLU X C   1 
ATOM   413 O  O   . GLU A 1 53 ? -1.482  -2.591  -7.117  1.00 14.13 ? 53  GLU X O   1 
ATOM   414 C  CB  A GLU A 1 53 ? 0.078   -1.002  -9.556  0.75 15.33 ? 53  GLU X CB  1 
ATOM   415 C  CB  B GLU A 1 53 ? 0.048   -0.988  -9.542  0.25 14.49 ? 53  GLU X CB  1 
ATOM   416 C  CG  A GLU A 1 53 ? 1.323   -0.140  -9.577  0.75 16.82 ? 53  GLU X CG  1 
ATOM   417 C  CG  B GLU A 1 53 ? -0.928  -1.182  -10.687 0.25 14.33 ? 53  GLU X CG  1 
ATOM   418 C  CD  A GLU A 1 53 ? 1.419   0.777   -10.770 0.75 19.55 ? 53  GLU X CD  1 
ATOM   419 C  CD  B GLU A 1 53 ? -1.410  0.136   -11.270 0.25 14.54 ? 53  GLU X CD  1 
ATOM   420 O  OE1 A GLU A 1 53 ? 0.400   1.423   -11.101 0.75 20.57 ? 53  GLU X OE1 1 
ATOM   421 O  OE1 B GLU A 1 53 ? -0.606  1.085   -11.333 0.25 14.24 ? 53  GLU X OE1 1 
ATOM   422 O  OE2 A GLU A 1 53 ? 2.525   0.854   -11.365 0.75 20.27 ? 53  GLU X OE2 1 
ATOM   423 O  OE2 B GLU A 1 53 ? -2.594  0.221   -11.664 0.25 14.34 ? 53  GLU X OE2 1 
ATOM   424 N  N   . GLU A 1 54 ? -1.601  -3.649  -9.095  1.00 14.31 ? 54  GLU X N   1 
ATOM   425 C  CA  A GLU A 1 54 ? -2.914  -4.245  -8.851  0.50 14.23 ? 54  GLU X CA  1 
ATOM   426 C  CA  B GLU A 1 54 ? -2.928  -4.216  -8.825  0.50 14.32 ? 54  GLU X CA  1 
ATOM   427 C  C   . GLU A 1 54 ? -2.860  -5.187  -7.653  1.00 13.76 ? 54  GLU X C   1 
ATOM   428 O  O   . GLU A 1 54 ? -3.801  -5.313  -6.883  1.00 13.25 ? 54  GLU X O   1 
ATOM   429 C  CB  A GLU A 1 54 ? -3.414  -4.992  -10.097 0.50 14.54 ? 54  GLU X CB  1 
ATOM   430 C  CB  B GLU A 1 54 ? -3.531  -4.902  -10.054 0.50 14.71 ? 54  GLU X CB  1 
ATOM   431 C  CG  A GLU A 1 54 ? -3.622  -4.098  -11.318 0.50 15.34 ? 54  GLU X CG  1 
ATOM   432 C  CG  B GLU A 1 54 ? -4.747  -5.760  -9.725  0.50 15.89 ? 54  GLU X CG  1 
ATOM   433 C  CD  A GLU A 1 54 ? -2.385  -3.983  -12.206 0.50 16.68 ? 54  GLU X CD  1 
ATOM   434 C  CD  B GLU A 1 54 ? -5.932  -4.971  -9.165  0.50 17.87 ? 54  GLU X CD  1 
ATOM   435 O  OE1 A GLU A 1 54 ? -1.266  -4.254  -11.724 0.50 16.10 ? 54  GLU X OE1 1 
ATOM   436 O  OE1 B GLU A 1 54 ? -6.442  -4.066  -9.860  0.50 19.13 ? 54  GLU X OE1 1 
ATOM   437 O  OE2 A GLU A 1 54 ? -2.535  -3.615  -13.391 0.50 18.87 ? 54  GLU X OE2 1 
ATOM   438 O  OE2 B GLU A 1 54 ? -6.375  -5.284  -8.037  0.50 17.82 ? 54  GLU X OE2 1 
ATOM   439 N  N   . ASP A 1 55 ? -1.721  -5.837  -7.520  1.00 12.76 ? 55  ASP X N   1 
ATOM   440 C  CA  . ASP A 1 55 ? -1.507  -6.818  -6.460  1.00 12.58 ? 55  ASP X CA  1 
ATOM   441 C  C   . ASP A 1 55 ? -1.325  -6.103  -5.129  1.00 11.93 ? 55  ASP X C   1 
ATOM   442 O  O   . ASP A 1 55 ? -1.738  -6.569  -4.071  1.00 12.40 ? 55  ASP X O   1 
ATOM   443 C  CB  . ASP A 1 55 ? -0.289  -7.689  -6.763  1.00 12.52 ? 55  ASP X CB  1 
ATOM   444 C  CG  . ASP A 1 55 ? -0.390  -8.349  -8.105  1.00 13.62 ? 55  ASP X CG  1 
ATOM   445 O  OD1 . ASP A 1 55 ? -1.415  -9.023  -8.333  1.00 14.88 ? 55  ASP X OD1 1 
ATOM   446 O  OD2 . ASP A 1 55 ? 0.546   -8.185  -8.921  1.00 16.22 ? 55  ASP X OD2 1 
ATOM   447 N  N   . ILE A 1 56 ? -0.709  -4.944  -5.220  1.00 11.27 ? 56  ILE X N   1 
ATOM   448 C  CA  . ILE A 1 56 ? -0.471  -4.097  -4.040  1.00 10.96 ? 56  ILE X CA  1 
ATOM   449 C  C   . ILE A 1 56 ? -1.807  -3.565  -3.535  1.00 10.81 ? 56  ILE X C   1 
ATOM   450 O  O   . ILE A 1 56 ? -2.115  -3.593  -2.348  1.00 10.01 ? 56  ILE X O   1 
ATOM   451 C  CB  . ILE A 1 56 ? 0.546   -2.974  -4.360  1.00 11.14 ? 56  ILE X CB  1 
ATOM   452 C  CG1 . ILE A 1 56 ? 1.926   -3.617  -4.493  1.00 10.65 ? 56  ILE X CG1 1 
ATOM   453 C  CG2 . ILE A 1 56 ? 0.550   -1.878  -3.262  1.00 11.68 ? 56  ILE X CG2 1 
ATOM   454 C  CD1 . ILE A 1 56 ? 2.989   -2.710  -5.062  1.00 12.25 ? 56  ILE X CD1 1 
ATOM   455 N  N   . LYS A 1 57 ? -2.603  -3.111  -4.486  1.00 11.33 ? 57  LYS X N   1 
ATOM   456 C  CA  . LYS A 1 57 ? -3.963  -2.617  -4.212  1.00 11.90 ? 57  LYS X CA  1 
ATOM   457 C  C   . LYS A 1 57 ? -4.793  -3.710  -3.550  1.00 11.82 ? 57  LYS X C   1 
ATOM   458 O  O   . LYS A 1 57 ? -5.471  -3.492  -2.555  1.00 11.17 ? 57  LYS X O   1 
ATOM   459 C  CB  . LYS A 1 57 ? -4.650  -2.137  -5.502  1.00 12.48 ? 57  LYS X CB  1 
ATOM   460 C  CG  . LYS A 1 57 ? -6.150  -1.983  -5.426  1.00 14.22 ? 57  LYS X CG  1 
ATOM   461 C  CD  . LYS A 1 57 ? -6.679  -1.553  -6.812  1.00 17.08 ? 57  LYS X CD  1 
ATOM   462 C  CE  . LYS A 1 57 ? -8.111  -1.980  -7.075  1.00 18.52 ? 57  LYS X CE  1 
ATOM   463 N  NZ  . LYS A 1 57 ? -9.062  -1.238  -6.239  1.00 20.40 ? 57  LYS X NZ  1 
ATOM   464 N  N   . GLU A 1 58 ? -4.681  -4.908  -4.100  1.00 12.08 ? 58  GLU X N   1 
ATOM   465 C  CA  A GLU A 1 58 ? -5.463  -6.053  -3.619  0.50 12.06 ? 58  GLU X CA  1 
ATOM   466 C  CA  B GLU A 1 58 ? -5.450  -6.056  -3.611  0.50 12.35 ? 58  GLU X CA  1 
ATOM   467 C  C   . GLU A 1 58 ? -5.074  -6.442  -2.192  1.00 11.96 ? 58  GLU X C   1 
ATOM   468 O  O   . GLU A 1 58 ? -5.928  -6.810  -1.386  1.00 12.17 ? 58  GLU X O   1 
ATOM   469 C  CB  A GLU A 1 58 ? -5.337  -7.257  -4.580  0.50 12.33 ? 58  GLU X CB  1 
ATOM   470 C  CB  B GLU A 1 58 ? -5.281  -7.277  -4.520  0.50 12.82 ? 58  GLU X CB  1 
ATOM   471 C  CG  A GLU A 1 58 ? -6.050  -8.524  -4.136  0.50 12.91 ? 58  GLU X CG  1 
ATOM   472 C  CG  B GLU A 1 58 ? -6.153  -7.252  -5.735  0.50 14.69 ? 58  GLU X CG  1 
ATOM   473 C  CD  A GLU A 1 58 ? -6.164  -9.547  -5.254  0.50 15.34 ? 58  GLU X CD  1 
ATOM   474 C  CD  B GLU A 1 58 ? -6.294  -8.627  -6.360  0.50 17.67 ? 58  GLU X CD  1 
ATOM   475 O  OE1 A GLU A 1 58 ? -6.073  -9.152  -6.437  0.50 18.11 ? 58  GLU X OE1 1 
ATOM   476 O  OE1 B GLU A 1 58 ? -5.532  -9.546  -5.969  0.50 19.35 ? 58  GLU X OE1 1 
ATOM   477 O  OE2 A GLU A 1 58 ? -6.338  -10.743 -4.954  0.50 16.06 ? 58  GLU X OE2 1 
ATOM   478 O  OE2 B GLU A 1 58 ? -7.171  -8.788  -7.237  0.50 20.60 ? 58  GLU X OE2 1 
ATOM   479 N  N   . GLU A 1 59 ? -3.786  -6.354  -1.891  1.00 11.01 ? 59  GLU X N   1 
ATOM   480 C  CA  . GLU A 1 59 ? -3.298  -6.670  -0.540  1.00 10.74 ? 59  GLU X CA  1 
ATOM   481 C  C   . GLU A 1 59 ? -3.900  -5.737  0.499   1.00 10.28 ? 59  GLU X C   1 
ATOM   482 O  O   . GLU A 1 59 ? -4.249  -6.137  1.612   1.00 10.47 ? 59  GLU X O   1 
ATOM   483 C  CB  . GLU A 1 59 ? -1.760  -6.634  -0.460  1.00 10.46 ? 59  GLU X CB  1 
ATOM   484 N  N   . ILE A 1 60 ? -4.034  -4.476  0.124   1.00 9.78  ? 60  ILE X N   1 
ATOM   485 C  CA  . ILE A 1 60 ? -4.592  -3.469  1.044   1.00 9.32  ? 60  ILE X CA  1 
ATOM   486 C  C   . ILE A 1 60 ? -6.089  -3.715  1.234   1.00 9.65  ? 60  ILE X C   1 
ATOM   487 O  O   . ILE A 1 60 ? -6.642  -3.593  2.337   1.00 8.66  ? 60  ILE X O   1 
ATOM   488 C  CB  . ILE A 1 60 ? -4.330  -2.039  0.545   1.00 9.38  ? 60  ILE X CB  1 
ATOM   489 C  CG1 . ILE A 1 60 ? -2.824  -1.797  0.507   1.00 9.06  ? 60  ILE X CG1 1 
ATOM   490 C  CG2 . ILE A 1 60 ? -5.048  -1.029  1.439   1.00 8.22  ? 60  ILE X CG2 1 
ATOM   491 C  CD1 . ILE A 1 60 ? -2.401  -0.554  -0.264  1.00 9.72  ? 60  ILE X CD1 1 
ATOM   492 N  N   . GLU A 1 61 ? -6.732  -4.102  0.144   1.00 10.06 ? 61  GLU X N   1 
ATOM   493 C  CA  . GLU A 1 61 ? -8.163  -4.411  0.175   1.00 10.59 ? 61  GLU X CA  1 
ATOM   494 C  C   . GLU A 1 61 ? -8.391  -5.611  1.065   1.00 10.94 ? 61  GLU X C   1 
ATOM   495 O  O   . GLU A 1 61 ? -9.307  -5.649  1.886   1.00 11.23 ? 61  GLU X O   1 
ATOM   496 C  CB  . GLU A 1 61 ? -8.733  -4.671  -1.221  1.00 10.69 ? 61  GLU X CB  1 
ATOM   497 C  CG  . GLU A 1 61 ? -8.781  -3.447  -2.120  1.00 11.41 ? 61  GLU X CG  1 
ATOM   498 C  CD  . GLU A 1 61 ? -9.169  -3.807  -3.542  1.00 13.49 ? 61  GLU X CD  1 
ATOM   499 O  OE1 . GLU A 1 61 ? -9.010  -4.989  -3.916  1.00 15.87 ? 61  GLU X OE1 1 
ATOM   500 O  OE2 . GLU A 1 61 ? -9.635  -2.920  -4.290  1.00 14.95 ? 61  GLU X OE2 1 
ATOM   501 N  N   . ASP A 1 62 ? -7.529  -6.596  0.902   1.00 11.39 ? 62  ASP X N   1 
ATOM   502 C  CA  . ASP A 1 62 ? -7.666  -7.848  1.658   1.00 11.81 ? 62  ASP X CA  1 
ATOM   503 C  C   . ASP A 1 62 ? -7.503  -7.595  3.153   1.00 11.78 ? 62  ASP X C   1 
ATOM   504 O  O   . ASP A 1 62 ? -8.059  -8.306  3.991   1.00 12.06 ? 62  ASP X O   1 
ATOM   505 C  CB  . ASP A 1 62 ? -6.647  -8.896  1.201   1.00 11.89 ? 62  ASP X CB  1 
ATOM   506 C  CG  . ASP A 1 62 ? -6.984  -9.503  -0.148  1.00 13.01 ? 62  ASP X CG  1 
ATOM   507 O  OD1 . ASP A 1 62 ? -8.109  -9.300  -0.663  1.00 14.94 ? 62  ASP X OD1 1 
ATOM   508 O  OD2 . ASP A 1 62 ? -6.104  -10.205 -0.689  1.00 14.79 ? 62  ASP X OD2 1 
ATOM   509 N  N   . ALA A 1 63 ? -6.730  -6.569  3.470   1.00 11.48 ? 63  ALA X N   1 
ATOM   510 C  CA  . ALA A 1 63 ? -6.462  -6.194  4.873   1.00 11.41 ? 63  ALA X CA  1 
ATOM   511 C  C   . ALA A 1 63 ? -7.701  -5.614  5.507   1.00 11.24 ? 63  ALA X C   1 
ATOM   512 O  O   . ALA A 1 63 ? -7.885  -5.677  6.722   1.00 11.18 ? 63  ALA X O   1 
ATOM   513 C  CB  . ALA A 1 63 ? -5.313  -5.206  4.981   1.00 11.49 ? 63  ALA X CB  1 
ATOM   514 N  N   . GLY A 1 64 ? -8.548  -5.028  4.672   1.00 10.99 ? 64  GLY X N   1 
ATOM   515 C  CA  . GLY A 1 64 ? -9.810  -4.462  5.163   1.00 11.20 ? 64  GLY X CA  1 
ATOM   516 C  C   . GLY A 1 64 ? -10.155 -3.054  4.745   1.00 11.21 ? 64  GLY X C   1 
ATOM   517 O  O   . GLY A 1 64 ? -11.143 -2.470  5.201   1.00 11.91 ? 64  GLY X O   1 
ATOM   518 N  N   . PHE A 1 65 ? -9.343  -2.516  3.850   1.00 11.30 ? 65  PHE X N   1 
ATOM   519 C  CA  . PHE A 1 65 ? -9.512  -1.145  3.387   1.00 11.01 ? 65  PHE X CA  1 
ATOM   520 C  C   . PHE A 1 65 ? -9.890  -1.068  1.930   1.00 11.18 ? 65  PHE X C   1 
ATOM   521 O  O   . PHE A 1 65 ? -10.175 -2.069  1.287   1.00 11.90 ? 65  PHE X O   1 
ATOM   522 C  CB  . PHE A 1 65 ? -8.244  -0.345  3.693   1.00 10.84 ? 65  PHE X CB  1 
ATOM   523 C  CG  . PHE A 1 65 ? -7.842  -0.441  5.130   1.00 10.46 ? 65  PHE X CG  1 
ATOM   524 C  CD1 . PHE A 1 65 ? -8.412  0.390   6.069   1.00 10.58 ? 65  PHE X CD1 1 
ATOM   525 C  CD2 . PHE A 1 65 ? -6.952  -1.423  5.555   1.00 10.73 ? 65  PHE X CD2 1 
ATOM   526 C  CE1 . PHE A 1 65 ? -8.068  0.274   7.400   1.00 11.75 ? 65  PHE X CE1 1 
ATOM   527 C  CE2 . PHE A 1 65 ? -6.614  -1.538  6.882   1.00 11.21 ? 65  PHE X CE2 1 
ATOM   528 C  CZ  . PHE A 1 65 ? -7.171  -0.694  7.801   1.00 11.20 ? 65  PHE X CZ  1 
ATOM   529 N  N   . GLU A 1 66 ? -9.971  0.167   1.471   1.00 11.17 ? 66  GLU X N   1 
ATOM   530 C  CA  A GLU A 1 66 ? -10.175 0.461   0.061   0.25 10.89 ? 66  GLU X CA  1 
ATOM   531 C  CA  B GLU A 1 66 ? -10.191 0.486   0.053   0.75 11.28 ? 66  GLU X CA  1 
ATOM   532 C  C   . GLU A 1 66 ? -8.937  1.173   -0.449  1.00 10.67 ? 66  GLU X C   1 
ATOM   533 O  O   . GLU A 1 66 ? -8.313  1.962   0.261   1.00 9.89  ? 66  GLU X O   1 
ATOM   534 C  CB  A GLU A 1 66 ? -11.441 1.295   -0.135  0.25 10.94 ? 66  GLU X CB  1 
ATOM   535 C  CB  B GLU A 1 66 ? -11.402 1.401   -0.155  0.75 11.55 ? 66  GLU X CB  1 
ATOM   536 C  CG  A GLU A 1 66 ? -12.693 0.565   0.342   0.25 11.21 ? 66  GLU X CG  1 
ATOM   537 C  CG  B GLU A 1 66 ? -12.745 0.801   0.279   0.75 13.51 ? 66  GLU X CG  1 
ATOM   538 C  CD  A GLU A 1 66 ? -13.972 1.268   -0.027  0.25 11.56 ? 66  GLU X CD  1 
ATOM   539 C  CD  B GLU A 1 66 ? -13.036 -0.578  -0.318  0.75 16.46 ? 66  GLU X CD  1 
ATOM   540 O  OE1 A GLU A 1 66 ? -15.024 0.597   -0.026  0.25 12.75 ? 66  GLU X OE1 1 
ATOM   541 O  OE1 B GLU A 1 66 ? -12.595 -0.876  -1.455  0.75 17.94 ? 66  GLU X OE1 1 
ATOM   542 O  OE2 A GLU A 1 66 ? -13.931 2.481   -0.310  0.25 11.61 ? 66  GLU X OE2 1 
ATOM   543 O  OE2 B GLU A 1 66 ? -13.739 -1.368  0.353   0.75 19.52 ? 66  GLU X OE2 1 
ATOM   544 N  N   . ALA A 1 67 ? -8.578  0.869   -1.672  1.00 10.41 ? 67  ALA X N   1 
ATOM   545 C  CA  . ALA A 1 67 ? -7.339  1.385   -2.253  1.00 10.48 ? 67  ALA X CA  1 
ATOM   546 C  C   . ALA A 1 67 ? -7.380  1.569   -3.762  1.00 10.35 ? 67  ALA X C   1 
ATOM   547 O  O   . ALA A 1 67 ? -8.057  0.858   -4.486  1.00 10.88 ? 67  ALA X O   1 
ATOM   548 C  CB  . ALA A 1 67 ? -6.167  0.447   -1.890  1.00 10.16 ? 67  ALA X CB  1 
ATOM   549 N  N   . GLU A 1 68 ? -6.642  2.575   -4.182  1.00 10.55 ? 68  GLU X N   1 
ATOM   550 C  CA  A GLU A 1 68 ? -6.366  2.840   -5.593  0.60 10.70 ? 68  GLU X CA  1 
ATOM   551 C  CA  B GLU A 1 68 ? -6.341  2.829   -5.598  0.40 10.79 ? 68  GLU X CA  1 
ATOM   552 C  C   . GLU A 1 68 ? -5.034  3.584   -5.715  1.00 10.85 ? 68  GLU X C   1 
ATOM   553 O  O   . GLU A 1 68 ? -4.693  4.407   -4.869  1.00 10.13 ? 68  GLU X O   1 
ATOM   554 C  CB  A GLU A 1 68 ? -7.504  3.660   -6.211  0.60 10.89 ? 68  GLU X CB  1 
ATOM   555 C  CB  B GLU A 1 68 ? -7.426  3.658   -6.285  0.40 11.00 ? 68  GLU X CB  1 
ATOM   556 C  CG  A GLU A 1 68 ? -7.455  3.798   -7.722  0.60 11.10 ? 68  GLU X CG  1 
ATOM   557 C  CG  B GLU A 1 68 ? -8.812  3.070   -6.240  0.40 11.70 ? 68  GLU X CG  1 
ATOM   558 C  CD  A GLU A 1 68 ? -7.387  2.463   -8.433  0.60 12.40 ? 68  GLU X CD  1 
ATOM   559 C  CD  B GLU A 1 68 ? -9.124  2.115   -7.382  0.40 13.12 ? 68  GLU X CD  1 
ATOM   560 O  OE1 A GLU A 1 68 ? -8.342  1.569   -8.521  0.00 3.86  ? 68  GLU X OE1 1 
ATOM   561 O  OE1 B GLU A 1 68 ? -8.250  1.762   -8.202  1.00 14.93 ? 68  GLU X OE1 1 
ATOM   562 O  OE2 A GLU A 1 68 ? -6.247  2.174   -8.786  0.00 4.04  ? 68  GLU X OE2 1 
ATOM   563 O  OE2 B GLU A 1 68 ? -10.283 1.705   -7.451  1.00 17.33 ? 68  GLU X OE2 1 
ATOM   564 N  N   . ILE A 1 69 ? -4.297  3.267   -6.758  1.00 10.99 ? 69  ILE X N   1 
ATOM   565 C  CA  . ILE A 1 69 ? -3.038  3.960   -7.039  1.00 11.70 ? 69  ILE X CA  1 
ATOM   566 C  C   . ILE A 1 69 ? -3.366  5.396   -7.388  1.00 11.54 ? 69  ILE X C   1 
ATOM   567 O  O   . ILE A 1 69 ? -4.278  5.684   -8.169  1.00 11.76 ? 69  ILE X O   1 
ATOM   568 C  CB  . ILE A 1 69 ? -2.209  3.267   -8.152  1.00 11.78 ? 69  ILE X CB  1 
ATOM   569 C  CG1 . ILE A 1 69 ? -1.415  2.089   -7.563  1.00 13.14 ? 69  ILE X CG1 1 
ATOM   570 C  CG2 . ILE A 1 69 ? -1.212  4.225   -8.749  1.00 12.17 ? 69  ILE X CG2 1 
ATOM   571 C  CD1 . ILE A 1 69 ? -2.226  0.969   -6.965  1.00 12.92 ? 69  ILE X CD1 1 
ATOM   572 N  N   . LEU A 1 70 ? -2.638  6.284   -6.735  1.00 11.71 ? 70  LEU X N   1 
ATOM   573 C  CA  . LEU A 1 70 ? -2.791  7.733   -6.906  1.00 11.77 ? 70  LEU X CA  1 
ATOM   574 C  C   . LEU A 1 70 ? -1.798  8.269   -7.912  1.00 11.85 ? 70  LEU X C   1 
ATOM   575 O  O   . LEU A 1 70 ? -2.121  9.095   -8.767  1.00 12.22 ? 70  LEU X O   1 
ATOM   576 C  CB  . LEU A 1 70 ? -2.629  8.463   -5.564  1.00 12.17 ? 70  LEU X CB  1 
ATOM   577 C  CG  . LEU A 1 70 ? -3.722  8.257   -4.513  1.00 12.44 ? 70  LEU X CG  1 
ATOM   578 C  CD1 . LEU A 1 70 ? -3.398  9.034   -3.233  1.00 11.54 ? 70  LEU X CD1 1 
ATOM   579 C  CD2 . LEU A 1 70 ? -5.088  8.681   -5.055  1.00 14.66 ? 70  LEU X CD2 1 
ATOM   580 N  N   . ALA A 1 71 ? -0.579  7.782   -7.801  1.00 11.66 ? 71  ALA X N   1 
ATOM   581 C  CA  . ALA A 1 71 ? 0.506   8.228   -8.671  1.00 11.97 ? 71  ALA X CA  1 
ATOM   582 C  C   . ALA A 1 71 ? 1.704   7.309   -8.638  1.00 12.24 ? 71  ALA X C   1 
ATOM   583 O  O   . ALA A 1 71 ? 1.885   6.530   -7.715  1.00 11.87 ? 71  ALA X O   1 
ATOM   584 C  CB  . ALA A 1 71 ? 0.941   9.655   -8.272  1.00 11.59 ? 71  ALA X CB  1 
ATOM   585 N  N   . GLU A 1 72 ? 2.472   7.416   -9.708  1.00 12.68 ? 72  GLU X N   1 
ATOM   586 C  CA  A GLU A 1 72 ? 3.789   6.784   -9.807  0.33 12.88 ? 72  GLU X CA  1 
ATOM   587 C  CA  B GLU A 1 72 ? 3.786   6.774   -9.782  0.33 12.85 ? 72  GLU X CA  1 
ATOM   588 C  CA  C GLU A 1 72 ? 3.788   6.791   -9.823  0.33 12.92 ? 72  GLU X CA  1 
ATOM   589 C  C   . GLU A 1 72 ? 4.829   7.814   -9.403  1.00 12.97 ? 72  GLU X C   1 
ATOM   590 O  O   . GLU A 1 72 ? 4.894   8.892   -9.987  1.00 13.54 ? 72  GLU X O   1 
ATOM   591 C  CB  A GLU A 1 72 ? 4.069   6.310   -11.236 0.33 13.10 ? 72  GLU X CB  1 
ATOM   592 C  CB  B GLU A 1 72 ? 4.086   6.198   -11.168 0.33 13.05 ? 72  GLU X CB  1 
ATOM   593 C  CB  C GLU A 1 72 ? 4.034   6.361   -11.277 0.33 13.17 ? 72  GLU X CB  1 
ATOM   594 C  CG  A GLU A 1 72 ? 3.122   5.235   -11.750 0.33 13.32 ? 72  GLU X CG  1 
ATOM   595 C  CG  B GLU A 1 72 ? 5.335   5.299   -11.179 0.33 13.18 ? 72  GLU X CG  1 
ATOM   596 C  CG  C GLU A 1 72 ? 5.450   5.939   -11.588 0.33 13.60 ? 72  GLU X CG  1 
ATOM   597 C  CD  A GLU A 1 72 ? 3.254   5.009   -13.244 0.33 13.99 ? 72  GLU X CD  1 
ATOM   598 C  CD  B GLU A 1 72 ? 5.666   4.732   -12.547 0.33 13.54 ? 72  GLU X CD  1 
ATOM   599 C  CD  C GLU A 1 72 ? 5.917   4.825   -10.695 0.33 14.24 ? 72  GLU X CD  1 
ATOM   600 O  OE1 A GLU A 1 72 ? 4.244   5.490   -13.834 0.33 15.42 ? 72  GLU X OE1 1 
ATOM   601 O  OE1 B GLU A 1 72 ? 6.562   5.289   -13.215 0.33 13.64 ? 72  GLU X OE1 1 
ATOM   602 O  OE1 C GLU A 1 72 ? 5.987   3.664   -11.155 0.33 14.54 ? 72  GLU X OE1 1 
ATOM   603 O  OE2 A GLU A 1 72 ? 2.370   4.349   -13.828 0.33 14.74 ? 72  GLU X OE2 1 
ATOM   604 O  OE2 B GLU A 1 72 ? 5.035   3.732   -12.952 0.33 14.88 ? 72  GLU X OE2 1 
ATOM   605 O  OE2 C GLU A 1 72 ? 6.207   5.114   -9.519  0.33 15.93 ? 72  GLU X OE2 1 
ATOM   606 N  N   . GLU A 1 73 ? 5.630   7.480   -8.403  1.00 12.45 ? 73  GLU X N   1 
ATOM   607 C  CA  . GLU A 1 73 ? 6.637   8.420   -7.877  1.00 11.96 ? 73  GLU X CA  1 
ATOM   608 C  C   . GLU A 1 73 ? 7.902   8.408   -8.714  1.00 11.95 ? 73  GLU X C   1 
ATOM   609 O  O   . GLU A 1 73 ? 8.383   9.440   -9.183  1.00 11.66 ? 73  GLU X O   1 
ATOM   610 C  CB  . GLU A 1 73 ? 6.966   8.142   -6.412  1.00 11.30 ? 73  GLU X CB  1 
ATOM   611 C  CG  . GLU A 1 73 ? 7.814   9.248   -5.788  1.00 11.16 ? 73  GLU X CG  1 
ATOM   612 C  CD  . GLU A 1 73 ? 7.917   9.162   -4.281  1.00 9.99  ? 73  GLU X CD  1 
ATOM   613 O  OE1 . GLU A 1 73 ? 6.881   8.986   -3.606  1.00 11.76 ? 73  GLU X OE1 1 
ATOM   614 O  OE2 . GLU A 1 73 ? 9.047   9.292   -3.769  1.00 11.64 ? 73  GLU X OE2 1 
ATOM   615 N  N   . TRP A 1 74 ? 8.436   7.208   -8.862  1.00 12.11 ? 74  TRP X N   1 
ATOM   616 C  CA  . TRP A 1 74 ? 9.569   6.951   -9.759  1.00 12.36 ? 74  TRP X CA  1 
ATOM   617 C  C   . TRP A 1 74 ? 9.650   5.500   -10.209 1.00 12.67 ? 74  TRP X C   1 
ATOM   618 O  O   . TRP A 1 74 ? 10.448  5.187   -11.089 1.00 13.34 ? 74  TRP X O   1 
ATOM   619 C  CB  . TRP A 1 74 ? 10.922  7.395   -9.165  1.00 12.21 ? 74  TRP X CB  1 
ATOM   620 C  CG  . TRP A 1 74 ? 11.237  6.954   -7.752  1.00 11.68 ? 74  TRP X CG  1 
ATOM   621 C  CD1 . TRP A 1 74 ? 11.197  7.728   -6.641  1.00 12.84 ? 74  TRP X CD1 1 
ATOM   622 C  CD2 . TRP A 1 74 ? 11.668  5.660   -7.321  1.00 11.69 ? 74  TRP X CD2 1 
ATOM   623 N  NE1 . TRP A 1 74 ? 11.567  7.004   -5.541  1.00 12.09 ? 74  TRP X NE1 1 
ATOM   624 C  CE2 . TRP A 1 74 ? 11.862  5.727   -5.929  1.00 12.40 ? 74  TRP X CE2 1 
ATOM   625 C  CE3 . TRP A 1 74 ? 11.917  4.454   -7.974  1.00 12.05 ? 74  TRP X CE3 1 
ATOM   626 C  CZ2 . TRP A 1 74 ? 12.267  4.633   -5.177  1.00 11.24 ? 74  TRP X CZ2 1 
ATOM   627 C  CZ3 . TRP A 1 74 ? 12.322  3.361   -7.219  1.00 11.41 ? 74  TRP X CZ3 1 
ATOM   628 C  CH2 . TRP A 1 74 ? 12.496  3.459   -5.842  1.00 11.62 ? 74  TRP X CH2 1 
ATOM   629 O  OXT . TRP A 1 74 ? 8.920   4.635   -9.718  1.00 12.64 ? 74  TRP X OXT 1 
HETATM 630 ZN ZN  . ZN  B 2 .  ? -8.049  1.623   13.283  0.75 5.75  ? 75  ZN  X ZN  1 
HETATM 631 LI LI  . LI  C 3 .  ? -7.665  9.797   6.538   1.00 12.82 ? 76  LI  X LI  1 
HETATM 632 O  O   . HOH D 4 .  ? 1.858   13.135  -5.212  1.00 16.29 ? 77  HOH X O   1 
HETATM 633 O  O   . HOH D 4 .  ? 0.450   10.310  9.034   1.00 13.97 ? 78  HOH X O   1 
HETATM 634 O  O   . HOH D 4 .  ? 8.203   3.350   1.100   1.00 22.81 ? 79  HOH X O   1 
HETATM 635 O  O   . HOH D 4 .  ? 8.715   -0.927  5.268   1.00 20.59 ? 80  HOH X O   1 
HETATM 636 O  O   . HOH D 4 .  ? 3.556   -11.663 9.341   1.00 14.92 ? 81  HOH X O   1 
HETATM 637 O  O   . HOH D 4 .  ? 3.536   -9.019  9.926   1.00 17.90 ? 82  HOH X O   1 
HETATM 638 O  O   . HOH D 4 .  ? 4.654   -7.879  7.658   1.00 13.67 ? 83  HOH X O   1 
HETATM 639 O  O   . HOH D 4 .  ? 6.023   -11.859 8.074   1.00 18.75 ? 84  HOH X O   1 
HETATM 640 O  O   . HOH D 4 .  ? 0.757   -9.482  9.753   1.00 12.26 ? 85  HOH X O   1 
HETATM 641 O  O   . HOH D 4 .  ? -0.635  -8.529  7.605   1.00 14.97 ? 86  HOH X O   1 
HETATM 642 O  O   . HOH D 4 .  ? -2.539  -6.745  8.453   1.00 9.07  ? 87  HOH X O   1 
HETATM 643 O  O   . HOH D 4 .  ? -1.552  -6.766  11.178  1.00 16.84 ? 88  HOH X O   1 
HETATM 644 O  O   . HOH D 4 .  ? -2.308  -8.231  13.491  1.00 12.49 ? 89  HOH X O   1 
HETATM 645 O  O   . HOH D 4 .  ? -2.014  -6.561  15.617  1.00 26.98 ? 90  HOH X O   1 
HETATM 646 O  O   . HOH D 4 .  ? -2.079  -3.101  13.784  1.00 13.48 ? 91  HOH X O   1 
HETATM 647 O  O   . HOH D 4 .  ? -3.503  -4.256  15.889  1.00 12.19 ? 92  HOH X O   1 
HETATM 648 O  O   . HOH D 4 .  ? -0.343  -2.193  15.621  1.00 16.48 ? 93  HOH X O   1 
HETATM 649 O  O   . HOH D 4 .  ? -0.440  -9.307  2.773   1.00 14.39 ? 94  HOH X O   1 
HETATM 650 O  O   . HOH D 4 .  ? -3.334  -8.527  2.659   1.00 10.98 ? 95  HOH X O   1 
HETATM 651 O  O   . HOH D 4 .  ? -0.502  -10.486 5.412   1.00 16.25 ? 96  HOH X O   1 
HETATM 652 O  O   . HOH D 4 .  ? -7.387  6.032   5.189   1.00 10.88 ? 97  HOH X O   1 
HETATM 653 O  O   . HOH D 4 .  ? -6.897  8.179   7.192   1.00 12.11 ? 98  HOH X O   1 
HETATM 654 O  O   . HOH D 4 .  ? -9.560  9.536   6.336   1.00 14.33 ? 99  HOH X O   1 
HETATM 655 O  O   . HOH D 4 .  ? -7.196  11.715  6.779   1.00 11.90 ? 100 HOH X O   1 
HETATM 656 O  O   . HOH D 4 .  ? -11.040 -0.820  -7.929  1.00 23.47 ? 101 HOH X O   1 
HETATM 657 O  O   . HOH D 4 .  ? 3.497   -2.515  10.766  1.00 26.30 ? 102 HOH X O   1 
HETATM 658 O  O   . HOH D 4 .  ? 2.147   -4.508  12.783  1.00 33.12 ? 103 HOH X O   1 
HETATM 659 O  O   . HOH D 4 .  ? 1.655   -4.056  15.489  1.00 33.25 ? 104 HOH X O   1 
HETATM 660 O  O   . HOH D 4 .  ? 6.137   -6.004  8.837   1.00 31.83 ? 105 HOH X O   1 
HETATM 661 O  O   . HOH D 4 .  ? -0.234  -11.021 0.686   1.00 35.84 ? 106 HOH X O   1 
HETATM 662 O  O   . HOH D 4 .  ? 0.489   -11.370 -1.829  1.00 33.77 ? 107 HOH X O   1 
HETATM 663 O  O   . HOH D 4 .  ? 9.725   -9.376  -0.865  1.00 27.16 ? 108 HOH X O   1 
HETATM 664 O  O   . HOH D 4 .  ? 11.405  -12.666 -2.346  1.00 36.52 ? 109 HOH X O   1 
HETATM 665 O  O   . HOH D 4 .  ? 13.345  -12.396 -3.869  1.00 31.16 ? 110 HOH X O   1 
HETATM 666 O  O   . HOH D 4 .  ? 14.370  -9.917  -4.262  1.00 30.89 ? 111 HOH X O   1 
HETATM 667 O  O   . HOH D 4 .  ? 13.257  -8.007  -5.619  1.00 28.90 ? 112 HOH X O   1 
HETATM 668 O  O   . HOH D 4 .  ? 11.191  -1.393  5.504   1.00 34.79 ? 113 HOH X O   1 
HETATM 669 O  O   . HOH D 4 .  ? 8.652   2.667   6.308   1.00 25.76 ? 114 HOH X O   1 
HETATM 670 O  O   . HOH D 4 .  ? 9.288   5.725   0.885   1.00 29.40 ? 115 HOH X O   1 
HETATM 671 O  O   . HOH D 4 .  ? 1.737   14.603  -0.845  1.00 23.17 ? 116 HOH X O   1 
HETATM 672 O  O   . HOH D 4 .  ? 3.545   9.437   2.135   1.00 33.03 ? 117 HOH X O   1 
HETATM 673 O  O   . HOH D 4 .  ? 1.850   11.798  2.577   1.00 25.71 ? 118 HOH X O   1 
HETATM 674 O  O   . HOH D 4 .  ? 2.718   12.639  5.120   1.00 26.53 ? 119 HOH X O   1 
HETATM 675 O  O   . HOH D 4 .  ? 1.368   12.875  9.007   1.00 48.98 ? 120 HOH X O   1 
HETATM 676 O  O   . HOH D 4 .  ? 2.544   -1.950  -11.725 1.00 23.92 ? 121 HOH X O   1 
HETATM 677 O  O   . HOH D 4 .  ? 0.841   -2.670  -13.712 1.00 29.66 ? 122 HOH X O   1 
HETATM 678 O  O   . HOH D 4 .  ? 0.153   3.711   -12.369 1.00 38.86 ? 123 HOH X O   1 
HETATM 679 O  O   . HOH D 4 .  ? -5.647  -8.588  -9.287  1.00 34.99 ? 124 HOH X O   1 
HETATM 680 O  O   . HOH D 4 .  ? -12.383 -5.969  -0.959  1.00 32.90 ? 125 HOH X O   1 
HETATM 681 O  O   . HOH D 4 .  ? -10.590 -7.913  -0.385  1.00 34.29 ? 126 HOH X O   1 
HETATM 682 O  O   . HOH D 4 .  ? -9.643  -7.425  -3.358  1.00 33.93 ? 127 HOH X O   1 
HETATM 683 O  O   . HOH D 4 .  ? -8.858  -10.017 -3.280  1.00 47.09 ? 128 HOH X O   1 
HETATM 684 O  O   . HOH D 4 .  ? -3.565  -10.421 0.501   1.00 36.95 ? 129 HOH X O   1 
HETATM 685 O  O   . HOH D 4 .  ? 7.604   7.828   0.633   1.00 18.48 ? 130 HOH X O   1 
HETATM 686 O  O   . HOH D 4 .  ? -8.918  -5.864  -6.604  1.00 33.39 ? 131 HOH X O   1 
HETATM 687 O  O   . HOH D 4 .  ? 8.842   -5.848  8.065   1.00 46.06 ? 132 HOH X O   1 
HETATM 688 O  O   . HOH D 4 .  ? 5.281   -3.550  9.149   1.00 33.76 ? 133 HOH X O   1 
HETATM 689 O  O   . HOH D 4 .  ? 4.433   7.745   3.806   1.00 31.13 ? 134 HOH X O   1 
HETATM 690 O  O   . HOH D 4 .  ? 3.655   4.829   9.944   1.00 48.48 ? 135 HOH X O   1 
HETATM 691 O  O   . HOH D 4 .  ? -11.899 -3.445  -5.881  1.00 28.18 ? 136 HOH X O   1 
HETATM 692 O  O   . HOH D 4 .  ? 0.996   -12.587 2.688   1.00 25.97 ? 137 HOH X O   1 
HETATM 693 O  O   . HOH D 4 .  ? 3.455   -13.906 0.640   1.00 28.65 ? 138 HOH X O   1 
HETATM 694 O  O   . HOH D 4 .  ? 4.532   -0.163  11.331  1.00 46.02 ? 139 HOH X O   1 
HETATM 695 O  O   . HOH D 4 .  ? 8.399   -6.386  -14.665 1.00 26.84 ? 140 HOH X O   1 
HETATM 696 O  O   . HOH D 4 .  ? 7.526   -8.554  -15.245 1.00 37.37 ? 141 HOH X O   1 
HETATM 697 O  O   . HOH D 4 .  ? 4.906   9.731   -12.865 1.00 37.35 ? 142 HOH X O   1 
HETATM 698 O  O   . HOH D 4 .  ? -15.422 -3.133  -1.139  1.00 41.75 ? 143 HOH X O   1 
HETATM 699 O  O   . HOH D 4 .  ? -9.405  -11.179 3.163   1.00 36.82 ? 144 HOH X O   1 
HETATM 700 O  O   . HOH D 4 .  ? -1.411  6.169   -11.565 1.00 49.15 ? 145 HOH X O   1 
HETATM 701 O  O   . HOH D 4 .  ? 9.327   -9.369  3.548   1.00 35.73 ? 146 HOH X O   1 
HETATM 702 O  O   . HOH D 4 .  ? 11.907  -6.689  -15.998 1.00 39.01 ? 147 HOH X O   1 
HETATM 703 O  O   . HOH D 4 .  ? 1.823   9.054   -11.968 1.00 20.58 ? 148 HOH X O   1 
HETATM 704 O  O   . HOH D 4 .  ? 3.905   13.070  -1.438  1.00 15.24 ? 149 HOH X O   1 
HETATM 705 O  O   . HOH D 4 .  ? 11.705  9.986   -3.948  1.00 13.15 ? 150 HOH X O   1 
HETATM 706 O  O   . HOH D 4 .  ? 9.199   -10.425 -14.552 1.00 27.63 ? 151 HOH X O   1 
HETATM 707 O  O   . HOH D 4 .  ? 11.692  -6.646  -3.571  1.00 18.07 ? 152 HOH X O   1 
HETATM 708 O  O   . HOH D 4 .  ? 0.211   15.069  7.655   1.00 18.93 ? 153 HOH X O   1 
HETATM 709 O  O   . HOH D 4 .  ? -0.768  19.315  9.892   1.00 15.45 ? 154 HOH X O   1 
HETATM 710 O  O   . HOH D 4 .  ? -10.701 7.177   5.022   1.00 22.00 ? 155 HOH X O   1 
HETATM 711 O  O   . HOH D 4 .  ? -0.441  -4.684  12.457  1.00 20.09 ? 156 HOH X O   1 
HETATM 712 O  O   . HOH D 4 .  ? 7.028   -9.072  7.159   1.00 30.40 ? 157 HOH X O   1 
HETATM 713 O  O   . HOH D 4 .  ? 7.817   -8.483  1.005   1.00 29.95 ? 158 HOH X O   1 
HETATM 714 O  O   . HOH D 4 .  ? 12.083  -7.140  -1.280  1.00 37.01 ? 159 HOH X O   1 
HETATM 715 O  O   . HOH D 4 .  ? 12.308  -5.359  2.660   1.00 19.66 ? 160 HOH X O   1 
HETATM 716 O  O   . HOH D 4 .  ? 0.959   6.638   9.827   1.00 20.13 ? 161 HOH X O   1 
HETATM 717 O  O   . HOH D 4 .  ? -5.105  4.962   -10.443 1.00 21.25 ? 162 HOH X O   1 
HETATM 718 O  O   . HOH D 4 .  ? 4.976   -8.925  -11.740 1.00 20.54 ? 163 HOH X O   1 
HETATM 719 O  O   . HOH D 4 .  ? -4.668  -9.113  5.257   1.00 27.91 ? 164 HOH X O   1 
HETATM 720 O  O   . HOH D 4 .  ? -12.364 -3.840  -1.570  1.00 30.95 ? 165 HOH X O   1 
HETATM 721 O  O   . HOH D 4 .  ? -1.906  -9.280  -3.558  1.00 24.13 ? 166 HOH X O   1 
HETATM 722 O  O   . HOH D 4 .  ? 0.109   5.994   12.323  1.00 29.61 ? 167 HOH X O   1 
HETATM 723 O  O   . HOH D 4 .  ? 6.909   -10.937 1.621   1.00 28.53 ? 168 HOH X O   1 
HETATM 724 O  O   . HOH D 4 .  ? -2.951  3.461   -12.048 1.00 30.03 ? 169 HOH X O   1 
HETATM 725 O  O   . HOH D 4 .  ? 2.369   5.901   14.197  1.00 32.22 ? 170 HOH X O   1 
HETATM 726 O  O   . HOH D 4 .  ? -11.594 -7.288  2.561   1.00 25.41 ? 171 HOH X O   1 
HETATM 727 O  O   . HOH D 4 .  ? 7.551   -11.537 5.127   1.00 27.83 ? 172 HOH X O   1 
HETATM 728 O  O   . HOH D 4 .  ? 3.688   -2.919  16.481  1.00 28.77 ? 173 HOH X O   1 
HETATM 729 O  O   . HOH D 4 .  ? 9.357   -7.938  6.365   1.00 33.07 ? 174 HOH X O   1 
HETATM 730 O  O   . HOH D 4 .  ? 3.104   -12.499 -1.575  1.00 21.14 ? 175 HOH X O   1 
HETATM 731 O  O   . HOH D 4 .  ? 3.536   -7.495  12.067  1.00 26.87 ? 176 HOH X O   1 
HETATM 732 O  O   . HOH D 4 .  ? -15.531 -0.543  2.356   1.00 32.85 ? 177 HOH X O   1 
HETATM 733 O  O   . HOH D 4 .  ? 10.859  -7.666  1.741   1.00 37.21 ? 178 HOH X O   1 
HETATM 734 O  O   . HOH D 4 .  ? 7.042   -7.263  -18.323 1.00 45.70 ? 179 HOH X O   1 
HETATM 735 O  O   B HOH D 4 .  ? -5.358  1.408   -8.701  0.50 7.52  ? 180 HOH X O   1 
HETATM 736 O  O   . HOH D 4 .  ? 11.155  2.418   -11.589 1.00 26.64 ? 181 HOH X O   1 
HETATM 737 O  O   . HOH D 4 .  ? 10.366  1.921   -13.693 1.00 46.64 ? 182 HOH X O   1 
HETATM 738 O  O   A HOH D 4 .  ? 5.058   3.415   7.646   0.50 11.26 ? 183 HOH X O   1 
HETATM 739 O  O   B HOH D 4 .  ? -10.621 8.290   1.019   0.50 20.31 ? 184 HOH X O   1 
HETATM 740 O  O   B HOH D 4 .  ? 6.849   -1.049  7.255   0.50 27.58 ? 185 HOH X O   1 
HETATM 741 O  O   . HOH D 4 .  ? -13.711 6.575   5.169   1.00 49.39 ? 186 HOH X O   1 
HETATM 742 O  O   . HOH D 4 .  ? -1.134  17.543  7.851   1.00 20.81 ? 187 HOH X O   1 
HETATM 743 O  O   . HOH D 4 .  ? 6.758   -5.450  -7.558  1.00 15.49 ? 188 HOH X O   1 
HETATM 744 O  O   . HOH D 4 .  ? 11.448  -1.267  -14.631 1.00 46.45 ? 189 HOH X O   1 
HETATM 745 O  O   . HOH D 4 .  ? 7.376   -0.993  -13.767 1.00 40.88 ? 190 HOH X O   1 
HETATM 746 O  O   B HOH D 4 .  ? 5.168   1.478   -11.580 0.50 22.30 ? 191 HOH X O   1 
HETATM 747 O  O   A HOH D 4 .  ? 7.021   7.667   -12.956 0.50 27.13 ? 192 HOH X O   1 
# 
